data_4OTO
#
_entry.id   4OTO
#
_cell.length_a   81.442
_cell.length_b   87.071
_cell.length_c   87.972
_cell.angle_alpha   90.00
_cell.angle_beta   103.24
_cell.angle_gamma   90.00
#
_symmetry.space_group_name_H-M   'P 1 21 1'
#
loop_
_entity.id
_entity.type
_entity.pdbx_description
1 polymer Hax3
2 polymer "DNA (5'-D(*TP*GP*TP*CP*CP*CP*TP*TP*TP*AP*TP*CP*TP*CP*TP*CP*T)-3')"
3 polymer "DNA (5'-D(*AP*GP*AP*GP*AP*GP*AP*TP*AP*AP*AP*GP*GP*GP*AP*CP*A)-3')"
4 water water
#
loop_
_entity_poly.entity_id
_entity_poly.type
_entity_poly.pdbx_seq_one_letter_code
_entity_poly.pdbx_strand_id
1 'polypeptide(L)'
;MQWSGARALEALLTVAGELRGPPLQLDTGQLLKIAKRGGVTAVEAVHAWRNALTGAPLNLTPEQVVAIASHDGGKQALET
VQRLLPVLCQAHGLTPQQVVAIASHDGGKQALETVQRLLPVLCQAHGLTPEQVVAIASHDGGKQALETVQALLPVLCQAH
GLTPEQVVAIASNGGGKQALETVQRLLPVLCQAHGLTPQQVVAIASNGGGKQALETVQRLLPVLCQAHGLTPQQVVAIAS
NGGGKQALETVQRLLPVLCQAHGLTPQQVVAIASNWGGKQALETVQRLLPVLCQAHGLTPQQVVAIASNGGGKQALETVQ
RLLPVLCQAHGLTPQQVVAIASHDGGKQALETVQRLLPVLCQAHGLTPEQVVAIASNGGGKQALETVQRLLPVLCQAHGL
TPEQVVAIASHDGGKQALETVQRLLPVLCQAHGLTPQQVVAIASNGGGRPALESIVAQLSRPDPALAALTNDHLVALACL
GGRPALDAVKKLEHHHHHH
;
A,B
2 'polydeoxyribonucleotide' (DT)(DG)(DT)(DC)(DC)(DC)(DT)(DT)(DT)(DA)(DT)(DC)(DT)(DC)(DT)(DC)(DT) G,I
3 'polydeoxyribonucleotide' (DA)(DG)(DA)(DG)(DA)(DG)(DA)(DT)(DA)(DA)(DA)(DG)(DG)(DG)(DA)(DC)(DA) H,J
#
loop_
_chem_comp.id
_chem_comp.type
_chem_comp.name
_chem_comp.formula
DA DNA linking 2'-DEOXYADENOSINE-5'-MONOPHOSPHATE 'C10 H14 N5 O6 P'
DC DNA linking 2'-DEOXYCYTIDINE-5'-MONOPHOSPHATE 'C9 H14 N3 O7 P'
DG DNA linking 2'-DEOXYGUANOSINE-5'-MONOPHOSPHATE 'C10 H14 N5 O7 P'
DT DNA linking THYMIDINE-5'-MONOPHOSPHATE 'C10 H15 N2 O8 P'
#
# COMPACT_ATOMS: atom_id res chain seq x y z
N GLN A 2 -40.36 41.74 31.62
CA GLN A 2 -40.31 41.08 30.32
C GLN A 2 -39.32 39.93 30.34
N TRP A 3 -39.56 38.93 29.49
CA TRP A 3 -38.54 37.92 29.23
C TRP A 3 -37.40 38.63 28.51
N SER A 4 -36.19 38.56 29.06
CA SER A 4 -35.08 39.36 28.55
C SER A 4 -34.59 39.00 27.13
N GLY A 5 -34.77 37.74 26.73
CA GLY A 5 -34.39 37.33 25.39
C GLY A 5 -35.36 37.75 24.28
N ALA A 6 -36.26 38.68 24.59
CA ALA A 6 -37.32 39.10 23.68
C ALA A 6 -36.84 40.11 22.64
N ARG A 7 -36.08 41.11 23.07
CA ARG A 7 -35.47 42.05 22.15
C ARG A 7 -34.53 41.30 21.18
N ALA A 8 -33.71 40.40 21.72
CA ALA A 8 -32.81 39.55 20.94
C ALA A 8 -33.54 38.63 19.95
N LEU A 9 -34.79 38.28 20.24
CA LEU A 9 -35.57 37.45 19.34
C LEU A 9 -36.15 38.28 18.20
N GLU A 10 -36.46 39.53 18.50
CA GLU A 10 -37.01 40.48 17.52
C GLU A 10 -35.98 40.80 16.44
N ALA A 11 -34.78 41.19 16.89
CA ALA A 11 -33.62 41.40 16.02
C ALA A 11 -33.48 40.27 15.01
N LEU A 12 -33.47 39.05 15.51
CA LEU A 12 -33.42 37.86 14.67
C LEU A 12 -34.41 37.93 13.52
N LEU A 13 -35.67 38.20 13.85
CA LEU A 13 -36.74 38.14 12.86
C LEU A 13 -36.67 39.34 11.89
N THR A 14 -36.44 40.52 12.44
CA THR A 14 -36.27 41.74 11.65
C THR A 14 -35.23 41.54 10.54
N VAL A 15 -34.08 41.00 10.94
CA VAL A 15 -32.99 40.76 10.02
C VAL A 15 -33.27 39.55 9.12
N ALA A 16 -33.79 38.46 9.72
CA ALA A 16 -34.13 37.26 8.97
C ALA A 16 -35.05 37.54 7.78
N GLY A 17 -36.00 38.44 7.98
CA GLY A 17 -36.93 38.81 6.93
C GLY A 17 -36.22 39.21 5.64
N GLU A 18 -35.33 40.18 5.75
CA GLU A 18 -34.61 40.72 4.59
C GLU A 18 -33.81 39.65 3.84
N LEU A 19 -33.17 38.75 4.60
CA LEU A 19 -32.30 37.70 4.04
C LEU A 19 -32.98 36.73 3.08
N ARG A 20 -34.31 36.75 3.08
CA ARG A 20 -35.07 35.91 2.15
C ARG A 20 -34.96 36.46 0.74
N GLY A 21 -34.69 37.75 0.65
CA GLY A 21 -34.46 38.39 -0.64
C GLY A 21 -33.10 38.07 -1.22
N PRO A 22 -32.69 38.83 -2.25
CA PRO A 22 -31.36 38.72 -2.86
C PRO A 22 -30.31 39.28 -1.93
N PRO A 23 -29.04 38.88 -2.13
CA PRO A 23 -28.62 37.93 -3.17
C PRO A 23 -28.58 36.49 -2.66
N LEU A 24 -29.00 36.28 -1.41
CA LEU A 24 -28.98 34.94 -0.82
C LEU A 24 -30.35 34.29 -0.88
N GLN A 25 -31.30 34.85 -0.13
CA GLN A 25 -32.66 34.33 -0.10
C GLN A 25 -32.71 32.93 0.50
N LEU A 26 -32.72 32.86 1.82
CA LEU A 26 -32.80 31.58 2.51
C LEU A 26 -34.23 31.08 2.53
N ASP A 27 -34.45 29.87 3.02
CA ASP A 27 -35.79 29.29 3.04
C ASP A 27 -36.36 28.83 4.41
N THR A 28 -36.10 29.61 5.46
CA THR A 28 -36.51 29.25 6.82
C THR A 28 -35.71 28.08 7.38
N GLY A 29 -35.64 26.99 6.62
CA GLY A 29 -34.79 25.86 6.98
C GLY A 29 -33.37 26.33 7.18
N GLN A 30 -32.83 27.00 6.18
CA GLN A 30 -31.50 27.57 6.29
C GLN A 30 -31.44 28.63 7.39
N LEU A 31 -32.52 29.41 7.52
CA LEU A 31 -32.53 30.50 8.49
C LEU A 31 -32.64 29.97 9.91
N LEU A 32 -33.42 28.91 10.07
CA LEU A 32 -33.62 28.31 11.38
C LEU A 32 -32.28 27.76 11.85
N LYS A 33 -31.66 26.99 10.96
CA LYS A 33 -30.33 26.43 11.15
C LYS A 33 -29.27 27.43 11.67
N ILE A 34 -29.14 28.60 11.02
CA ILE A 34 -28.15 29.59 11.44
C ILE A 34 -28.46 30.10 12.83
N ALA A 35 -29.73 30.33 13.09
CA ALA A 35 -30.14 30.85 14.38
C ALA A 35 -29.79 29.89 15.52
N LYS A 36 -30.05 28.60 15.32
CA LYS A 36 -29.84 27.60 16.37
C LYS A 36 -28.37 27.43 16.76
N ARG A 37 -27.50 27.39 15.77
CA ARG A 37 -26.09 27.15 16.04
C ARG A 37 -25.25 28.44 16.04
N GLY A 38 -25.32 29.22 14.96
CA GLY A 38 -24.65 30.52 14.92
C GLY A 38 -25.24 31.56 15.87
N GLY A 39 -26.55 31.54 16.06
CA GLY A 39 -27.19 32.47 16.97
C GLY A 39 -27.52 33.80 16.31
N VAL A 40 -27.73 34.82 17.14
N VAL A 40 -27.75 34.82 17.13
CA VAL A 40 -28.15 36.13 16.68
CA VAL A 40 -28.17 36.12 16.64
C VAL A 40 -27.04 36.86 15.92
C VAL A 40 -27.07 36.90 15.93
N THR A 41 -25.86 36.93 16.52
N THR A 41 -25.87 36.92 16.51
CA THR A 41 -24.74 37.64 15.92
CA THR A 41 -24.77 37.65 15.91
C THR A 41 -24.28 37.01 14.61
C THR A 41 -24.37 37.04 14.57
N ALA A 42 -24.64 35.76 14.40
CA ALA A 42 -24.33 35.08 13.14
C ALA A 42 -25.32 35.44 12.03
N VAL A 43 -26.61 35.49 12.37
CA VAL A 43 -27.65 35.86 11.40
C VAL A 43 -27.46 37.31 10.92
N GLU A 44 -27.13 38.20 11.86
CA GLU A 44 -26.75 39.57 11.55
C GLU A 44 -25.47 39.69 10.70
N ALA A 45 -24.46 38.86 11.01
CA ALA A 45 -23.24 38.91 10.22
C ALA A 45 -23.48 38.48 8.77
N VAL A 46 -24.32 37.48 8.57
CA VAL A 46 -24.62 37.03 7.22
C VAL A 46 -25.25 38.17 6.45
N HIS A 47 -26.16 38.86 7.11
CA HIS A 47 -26.81 40.00 6.50
C HIS A 47 -25.73 41.03 6.15
N ALA A 48 -25.02 41.51 7.16
CA ALA A 48 -23.96 42.50 6.99
C ALA A 48 -23.00 42.24 5.81
N TRP A 49 -22.65 40.99 5.58
CA TRP A 49 -21.68 40.63 4.58
C TRP A 49 -22.31 39.83 3.46
N ARG A 50 -23.61 40.01 3.25
N ARG A 50 -23.67 40.05 3.25
CA ARG A 50 -24.35 39.23 2.26
CA ARG A 50 -24.44 39.30 2.25
C ARG A 50 -23.88 39.50 0.82
C ARG A 50 -23.98 39.55 0.82
N ASN A 51 -23.36 40.70 0.58
CA ASN A 51 -22.95 41.09 -0.76
C ASN A 51 -21.50 40.78 -1.02
N ALA A 52 -20.66 41.04 -0.02
CA ALA A 52 -19.25 40.75 -0.11
C ALA A 52 -18.98 39.26 -0.37
N LEU A 53 -19.86 38.39 0.12
CA LEU A 53 -19.65 36.95 0.04
C LEU A 53 -20.22 36.33 -1.22
N THR A 54 -21.38 36.82 -1.62
CA THR A 54 -22.16 36.22 -2.68
C THR A 54 -21.48 36.29 -4.04
N GLY A 55 -21.17 37.50 -4.48
CA GLY A 55 -20.62 37.69 -5.81
C GLY A 55 -19.13 37.89 -5.71
N ALA A 56 -18.57 38.61 -6.68
CA ALA A 56 -17.15 38.94 -6.68
C ALA A 56 -16.74 39.62 -5.37
N PRO A 57 -15.52 39.33 -4.90
CA PRO A 57 -14.55 38.43 -5.51
C PRO A 57 -14.63 36.95 -5.06
N LEU A 58 -15.31 36.65 -3.96
CA LEU A 58 -15.30 35.29 -3.41
C LEU A 58 -16.18 34.32 -4.19
N ASN A 59 -17.34 34.82 -4.62
CA ASN A 59 -18.31 34.00 -5.34
C ASN A 59 -18.69 32.71 -4.64
N LEU A 60 -19.22 32.85 -3.43
CA LEU A 60 -19.68 31.72 -2.65
C LEU A 60 -21.16 31.50 -2.91
N THR A 61 -21.54 30.25 -3.16
CA THR A 61 -22.94 29.91 -3.34
C THR A 61 -23.69 30.14 -2.02
N PRO A 62 -25.03 30.55 -2.15
CA PRO A 62 -25.70 30.76 -0.85
C PRO A 62 -25.59 29.54 0.06
N GLU A 63 -25.27 28.40 -0.52
CA GLU A 63 -25.15 27.15 0.24
C GLU A 63 -23.93 27.19 1.16
N GLN A 64 -22.77 27.50 0.59
CA GLN A 64 -21.53 27.56 1.35
C GLN A 64 -21.58 28.60 2.45
N VAL A 65 -22.30 29.70 2.19
CA VAL A 65 -22.43 30.77 3.16
C VAL A 65 -23.17 30.31 4.40
N VAL A 66 -24.19 29.48 4.21
CA VAL A 66 -24.97 28.94 5.33
C VAL A 66 -24.15 27.92 6.10
N ALA A 67 -23.25 27.23 5.41
CA ALA A 67 -22.41 26.23 6.04
C ALA A 67 -21.41 26.88 6.99
N ILE A 68 -20.83 27.99 6.56
CA ILE A 68 -19.85 28.71 7.39
C ILE A 68 -20.49 29.42 8.58
N ALA A 69 -21.69 29.93 8.39
CA ALA A 69 -22.35 30.75 9.40
C ALA A 69 -23.04 29.94 10.52
N SER A 70 -23.38 28.68 10.26
CA SER A 70 -24.19 27.90 11.20
C SER A 70 -23.37 27.07 12.21
N HIS A 71 -22.50 27.77 12.93
CA HIS A 71 -21.69 27.17 13.98
C HIS A 71 -21.39 28.25 15.01
N ASP A 72 -21.06 27.82 16.24
CA ASP A 72 -20.55 28.74 17.25
C ASP A 72 -19.43 29.61 16.65
N GLY A 73 -19.56 30.92 16.80
CA GLY A 73 -18.54 31.81 16.30
C GLY A 73 -18.68 32.04 14.81
N GLY A 74 -19.83 31.64 14.25
CA GLY A 74 -20.12 31.82 12.84
C GLY A 74 -19.73 33.17 12.26
N LYS A 75 -20.02 34.24 13.00
CA LYS A 75 -19.66 35.60 12.59
C LYS A 75 -18.16 35.72 12.38
N GLN A 76 -17.38 35.18 13.32
CA GLN A 76 -15.92 35.18 13.25
C GLN A 76 -15.43 34.40 12.02
N ALA A 77 -16.05 33.27 11.74
CA ALA A 77 -15.68 32.49 10.57
C ALA A 77 -15.95 33.23 9.27
N LEU A 78 -17.06 33.98 9.25
CA LEU A 78 -17.46 34.76 8.08
C LEU A 78 -16.47 35.91 7.76
N GLU A 79 -16.02 36.58 8.80
CA GLU A 79 -15.05 37.65 8.72
C GLU A 79 -13.67 37.11 8.28
N THR A 80 -13.37 35.89 8.71
CA THR A 80 -12.07 35.32 8.47
C THR A 80 -11.98 34.70 7.08
N VAL A 81 -13.08 34.12 6.60
CA VAL A 81 -13.10 33.56 5.25
C VAL A 81 -12.85 34.65 4.22
N GLN A 82 -13.51 35.80 4.36
CA GLN A 82 -13.33 36.84 3.37
C GLN A 82 -11.90 37.40 3.42
N ARG A 83 -11.27 37.27 4.58
CA ARG A 83 -9.89 37.67 4.75
C ARG A 83 -8.87 36.60 4.29
N LEU A 84 -9.15 35.33 4.57
CA LEU A 84 -8.18 34.26 4.31
C LEU A 84 -8.46 33.34 3.13
N LEU A 85 -9.65 33.39 2.55
CA LEU A 85 -9.89 32.52 1.39
C LEU A 85 -9.02 32.88 0.18
N PRO A 86 -8.85 34.18 -0.11
CA PRO A 86 -7.87 34.45 -1.16
C PRO A 86 -6.42 34.06 -0.77
N VAL A 87 -5.97 34.44 0.43
CA VAL A 87 -4.65 34.04 0.94
C VAL A 87 -4.37 32.55 0.82
N LEU A 88 -5.38 31.75 1.19
CA LEU A 88 -5.24 30.30 1.19
C LEU A 88 -5.35 29.69 -0.20
N CYS A 89 -6.10 30.35 -1.07
CA CYS A 89 -6.34 29.84 -2.41
C CYS A 89 -5.24 30.23 -3.39
N GLN A 90 -4.42 31.21 -3.00
CA GLN A 90 -3.35 31.70 -3.87
C GLN A 90 -1.97 31.41 -3.29
N ALA A 91 -1.87 31.42 -1.96
CA ALA A 91 -0.58 31.24 -1.30
C ALA A 91 -0.33 29.80 -0.89
N HIS A 92 -1.33 28.93 -1.04
CA HIS A 92 -1.18 27.53 -0.65
C HIS A 92 -1.80 26.56 -1.65
N GLY A 93 -2.53 27.10 -2.62
CA GLY A 93 -3.04 26.27 -3.69
C GLY A 93 -4.24 25.44 -3.36
N LEU A 94 -4.95 25.81 -2.28
CA LEU A 94 -6.19 25.13 -1.93
C LEU A 94 -7.33 25.62 -2.80
N THR A 95 -8.35 24.80 -2.95
CA THR A 95 -9.58 25.21 -3.61
C THR A 95 -10.52 25.94 -2.65
N PRO A 96 -11.44 26.75 -3.19
CA PRO A 96 -12.43 27.34 -2.28
C PRO A 96 -13.25 26.29 -1.51
N GLN A 97 -13.56 25.16 -2.14
CA GLN A 97 -14.28 24.09 -1.47
C GLN A 97 -13.56 23.65 -0.20
N GLN A 98 -12.25 23.54 -0.27
CA GLN A 98 -11.44 23.14 0.88
C GLN A 98 -11.48 24.20 2.01
N VAL A 99 -11.34 25.47 1.62
CA VAL A 99 -11.41 26.58 2.58
C VAL A 99 -12.76 26.62 3.30
N VAL A 100 -13.83 26.36 2.55
CA VAL A 100 -15.18 26.34 3.13
C VAL A 100 -15.34 25.18 4.11
N ALA A 101 -14.90 23.99 3.70
CA ALA A 101 -14.92 22.84 4.60
C ALA A 101 -14.19 23.12 5.93
N ILE A 102 -13.12 23.88 5.86
CA ILE A 102 -12.35 24.24 7.06
C ILE A 102 -13.13 25.25 7.90
N ALA A 103 -13.80 26.20 7.24
CA ALA A 103 -14.51 27.27 7.91
C ALA A 103 -15.73 26.78 8.65
N SER A 104 -16.23 25.61 8.24
CA SER A 104 -17.58 25.15 8.60
C SER A 104 -17.66 24.31 9.87
N HIS A 105 -17.07 24.80 10.95
CA HIS A 105 -17.02 24.07 12.19
C HIS A 105 -16.93 25.08 13.32
N ASP A 106 -17.22 24.69 14.55
CA ASP A 106 -17.02 25.60 15.69
C ASP A 106 -15.57 26.09 15.73
N GLY A 107 -15.42 27.41 15.87
CA GLY A 107 -14.12 28.03 15.96
C GLY A 107 -13.42 28.01 14.61
N GLY A 108 -14.17 27.95 13.52
CA GLY A 108 -13.59 27.93 12.19
C GLY A 108 -12.53 28.98 11.91
N LYS A 109 -12.69 30.16 12.53
CA LYS A 109 -11.70 31.25 12.46
C LYS A 109 -10.35 30.76 12.93
N GLN A 110 -10.33 30.03 14.05
CA GLN A 110 -9.12 29.44 14.58
C GLN A 110 -8.50 28.45 13.61
N ALA A 111 -9.32 27.56 13.06
CA ALA A 111 -8.82 26.58 12.11
C ALA A 111 -8.20 27.24 10.86
N LEU A 112 -8.91 28.17 10.26
CA LEU A 112 -8.40 28.87 9.07
C LEU A 112 -7.08 29.59 9.32
N GLU A 113 -6.95 30.20 10.50
CA GLU A 113 -5.76 30.96 10.81
C GLU A 113 -4.59 30.03 11.07
N THR A 114 -4.87 28.92 11.73
CA THR A 114 -3.85 27.95 12.07
C THR A 114 -3.40 27.23 10.80
N VAL A 115 -4.33 27.02 9.88
CA VAL A 115 -3.96 26.42 8.60
C VAL A 115 -3.06 27.37 7.82
N GLN A 116 -3.44 28.64 7.76
CA GLN A 116 -2.63 29.66 7.12
C GLN A 116 -1.23 29.75 7.73
N ARG A 117 -1.14 29.50 9.03
CA ARG A 117 0.12 29.63 9.74
C ARG A 117 0.96 28.36 9.74
N LEU A 118 0.34 27.18 9.85
CA LEU A 118 1.15 25.96 9.97
C LEU A 118 1.23 25.06 8.75
N LEU A 119 0.46 25.34 7.71
CA LEU A 119 0.53 24.46 6.53
C LEU A 119 1.95 24.32 5.93
N PRO A 120 2.68 25.45 5.73
CA PRO A 120 4.04 25.31 5.21
C PRO A 120 4.91 24.41 6.09
N VAL A 121 4.93 24.68 7.40
CA VAL A 121 5.73 23.86 8.28
C VAL A 121 5.28 22.39 8.27
N LEU A 122 4.01 22.14 8.01
CA LEU A 122 3.49 20.78 8.14
C LEU A 122 3.72 19.96 6.88
N CYS A 123 3.85 20.64 5.74
CA CYS A 123 4.14 19.96 4.48
C CYS A 123 5.63 19.81 4.24
N GLN A 124 6.37 20.88 4.53
CA GLN A 124 7.82 20.92 4.33
C GLN A 124 8.56 20.07 5.36
N ALA A 125 8.55 20.51 6.61
CA ALA A 125 9.30 19.83 7.67
C ALA A 125 8.65 18.53 8.16
N HIS A 126 7.46 18.20 7.68
CA HIS A 126 6.78 17.01 8.20
C HIS A 126 6.30 16.10 7.09
N GLY A 127 6.38 16.60 5.86
CA GLY A 127 6.04 15.79 4.70
C GLY A 127 4.60 15.35 4.66
N LEU A 128 3.69 16.27 5.02
CA LEU A 128 2.25 16.02 4.89
C LEU A 128 1.73 16.69 3.62
N THR A 129 0.74 16.10 2.98
CA THR A 129 0.14 16.79 1.84
C THR A 129 -0.78 17.88 2.37
N PRO A 130 -1.15 18.85 1.52
CA PRO A 130 -2.20 19.81 1.90
C PRO A 130 -3.53 19.12 2.18
N GLU A 131 -3.90 18.16 1.34
CA GLU A 131 -5.09 17.33 1.55
C GLU A 131 -5.16 16.85 2.99
N GLN A 132 -4.08 16.27 3.47
CA GLN A 132 -4.05 15.78 4.83
C GLN A 132 -4.18 16.93 5.83
N VAL A 133 -3.59 18.08 5.50
CA VAL A 133 -3.67 19.22 6.39
C VAL A 133 -5.13 19.73 6.48
N VAL A 134 -5.79 19.75 5.33
CA VAL A 134 -7.17 20.18 5.24
C VAL A 134 -8.07 19.25 6.03
N ALA A 135 -7.83 17.95 5.89
CA ALA A 135 -8.59 16.95 6.62
C ALA A 135 -8.48 17.16 8.13
N ILE A 136 -7.26 17.29 8.66
CA ILE A 136 -7.02 17.56 10.09
C ILE A 136 -7.74 18.82 10.56
N ALA A 137 -7.84 19.79 9.67
CA ALA A 137 -8.37 21.08 10.05
C ALA A 137 -9.90 21.17 9.95
N SER A 138 -10.53 20.16 9.38
CA SER A 138 -11.96 20.24 9.08
C SER A 138 -12.86 19.60 10.16
N HIS A 139 -12.57 19.92 11.42
CA HIS A 139 -13.30 19.41 12.57
C HIS A 139 -13.24 20.46 13.66
N ASP A 140 -14.21 20.48 14.56
CA ASP A 140 -14.14 21.37 15.72
C ASP A 140 -12.79 21.22 16.42
N GLY A 141 -12.14 22.33 16.71
CA GLY A 141 -10.84 22.33 17.36
C GLY A 141 -9.75 21.93 16.40
N GLY A 142 -9.99 22.16 15.11
CA GLY A 142 -9.01 21.88 14.08
C GLY A 142 -7.67 22.53 14.42
N LYS A 143 -7.73 23.72 14.99
CA LYS A 143 -6.55 24.42 15.46
C LYS A 143 -5.76 23.58 16.47
N GLN A 144 -6.46 23.03 17.46
CA GLN A 144 -5.82 22.19 18.46
C GLN A 144 -5.23 20.95 17.81
N ALA A 145 -5.94 20.38 16.84
CA ALA A 145 -5.45 19.16 16.22
C ALA A 145 -4.22 19.44 15.37
N LEU A 146 -4.23 20.56 14.64
CA LEU A 146 -3.08 20.91 13.82
C LEU A 146 -1.86 21.11 14.71
N GLU A 147 -2.02 21.86 15.80
CA GLU A 147 -0.89 22.12 16.68
C GLU A 147 -0.36 20.86 17.35
N THR A 148 -1.26 19.94 17.69
CA THR A 148 -0.86 18.69 18.34
C THR A 148 -0.14 17.76 17.34
N VAL A 149 -0.57 17.80 16.08
CA VAL A 149 0.08 17.05 15.01
C VAL A 149 1.52 17.55 14.79
N GLN A 150 1.70 18.87 14.75
CA GLN A 150 3.03 19.45 14.57
C GLN A 150 3.95 19.02 15.69
N ALA A 151 3.43 19.05 16.91
CA ALA A 151 4.21 18.75 18.08
C ALA A 151 4.50 17.25 18.27
N LEU A 152 3.59 16.39 17.79
CA LEU A 152 3.66 14.97 18.16
C LEU A 152 3.85 14.00 17.01
N LEU A 153 3.84 14.50 15.79
CA LEU A 153 4.10 13.63 14.65
C LEU A 153 5.43 12.85 14.82
N PRO A 154 6.58 13.54 15.08
CA PRO A 154 7.84 12.83 15.36
C PRO A 154 7.73 11.69 16.39
N VAL A 155 7.52 12.03 17.65
CA VAL A 155 7.44 11.00 18.67
C VAL A 155 6.45 9.88 18.31
N LEU A 156 5.38 10.18 17.57
CA LEU A 156 4.38 9.16 17.28
C LEU A 156 4.81 8.19 16.20
N CYS A 157 5.54 8.69 15.21
CA CYS A 157 6.10 7.84 14.19
C CYS A 157 7.37 7.11 14.63
N GLN A 158 8.20 7.79 15.42
CA GLN A 158 9.51 7.26 15.77
C GLN A 158 9.47 6.40 17.03
N ALA A 159 9.13 7.01 18.16
CA ALA A 159 9.11 6.27 19.40
C ALA A 159 8.01 5.22 19.44
N HIS A 160 6.91 5.45 18.74
CA HIS A 160 5.77 4.53 18.84
C HIS A 160 5.49 3.74 17.56
N GLY A 161 6.17 4.07 16.48
CA GLY A 161 6.09 3.32 15.24
C GLY A 161 4.84 3.46 14.38
N LEU A 162 4.17 4.60 14.48
CA LEU A 162 3.01 4.89 13.62
C LEU A 162 3.41 5.58 12.32
N THR A 163 2.67 5.31 11.25
CA THR A 163 2.89 5.97 9.98
C THR A 163 2.27 7.38 10.04
N PRO A 164 2.69 8.30 9.16
CA PRO A 164 2.00 9.60 9.14
C PRO A 164 0.51 9.41 8.85
N GLU A 165 0.18 8.48 7.94
CA GLU A 165 -1.21 8.22 7.58
C GLU A 165 -2.07 7.92 8.80
N GLN A 166 -1.50 7.15 9.72
CA GLN A 166 -2.20 6.79 10.92
C GLN A 166 -2.34 7.99 11.84
N VAL A 167 -1.29 8.79 11.90
CA VAL A 167 -1.34 9.95 12.75
C VAL A 167 -2.42 10.90 12.23
N VAL A 168 -2.49 11.05 10.91
CA VAL A 168 -3.48 11.93 10.29
C VAL A 168 -4.90 11.43 10.55
N ALA A 169 -5.09 10.11 10.46
CA ALA A 169 -6.36 9.46 10.71
C ALA A 169 -6.88 9.72 12.11
N ILE A 170 -5.99 9.60 13.10
CA ILE A 170 -6.32 9.90 14.48
C ILE A 170 -6.66 11.40 14.67
N ALA A 171 -5.85 12.27 14.08
CA ALA A 171 -6.05 13.71 14.24
C ALA A 171 -7.32 14.29 13.55
N SER A 172 -7.87 13.54 12.60
CA SER A 172 -8.96 14.04 11.75
C SER A 172 -10.34 13.72 12.31
N ASN A 173 -10.55 14.01 13.60
CA ASN A 173 -11.84 13.87 14.23
C ASN A 173 -11.92 14.99 15.23
N GLY A 174 -13.14 15.38 15.63
CA GLY A 174 -13.32 16.29 16.74
C GLY A 174 -12.58 15.75 17.97
N GLY A 175 -11.95 16.66 18.72
CA GLY A 175 -11.07 16.28 19.82
C GLY A 175 -9.78 15.57 19.38
N GLY A 176 -9.35 15.81 18.14
CA GLY A 176 -8.13 15.23 17.62
C GLY A 176 -6.94 15.32 18.57
N LYS A 177 -6.67 16.52 19.07
CA LYS A 177 -5.65 16.75 20.09
C LYS A 177 -5.76 15.79 21.28
N GLN A 178 -6.99 15.61 21.78
CA GLN A 178 -7.21 14.66 22.87
C GLN A 178 -6.86 13.22 22.48
N ALA A 179 -7.27 12.80 21.29
CA ALA A 179 -7.07 11.42 20.86
C ALA A 179 -5.58 11.14 20.67
N LEU A 180 -4.88 12.09 20.07
CA LEU A 180 -3.44 12.01 19.86
C LEU A 180 -2.67 11.85 21.19
N GLU A 181 -2.94 12.75 22.14
CA GLU A 181 -2.24 12.73 23.41
C GLU A 181 -2.49 11.43 24.15
N THR A 182 -3.73 10.97 24.09
CA THR A 182 -4.09 9.72 24.73
C THR A 182 -3.45 8.51 24.03
N VAL A 183 -3.29 8.57 22.71
CA VAL A 183 -2.63 7.46 22.03
C VAL A 183 -1.14 7.38 22.42
N GLN A 184 -0.48 8.54 22.53
CA GLN A 184 0.91 8.57 22.95
C GLN A 184 1.16 7.81 24.25
N ARG A 185 0.32 8.05 25.24
CA ARG A 185 0.45 7.48 26.57
C ARG A 185 -0.04 6.05 26.62
N LEU A 186 -1.06 5.72 25.84
CA LEU A 186 -1.74 4.45 26.02
C LEU A 186 -1.41 3.36 24.98
N LEU A 187 -0.74 3.74 23.91
CA LEU A 187 -0.39 2.78 22.88
C LEU A 187 0.52 1.67 23.43
N PRO A 188 1.60 2.04 24.15
CA PRO A 188 2.41 0.96 24.74
C PRO A 188 1.63 0.13 25.75
N VAL A 189 0.86 0.79 26.60
CA VAL A 189 0.04 0.11 27.59
C VAL A 189 -0.94 -0.88 26.94
N LEU A 190 -1.66 -0.44 25.91
CA LEU A 190 -2.66 -1.32 25.28
C LEU A 190 -2.03 -2.44 24.44
N CYS A 191 -0.89 -2.15 23.80
CA CYS A 191 -0.22 -3.13 22.97
C CYS A 191 0.50 -4.21 23.77
N GLN A 192 1.35 -3.77 24.70
CA GLN A 192 2.17 -4.69 25.48
C GLN A 192 1.42 -5.42 26.60
N ALA A 193 0.44 -4.78 27.20
CA ALA A 193 -0.26 -5.39 28.33
C ALA A 193 -1.43 -6.28 27.93
N HIS A 194 -2.07 -5.96 26.81
CA HIS A 194 -3.26 -6.71 26.38
C HIS A 194 -3.11 -7.26 24.98
N GLY A 195 -1.96 -7.05 24.36
CA GLY A 195 -1.71 -7.67 23.08
C GLY A 195 -2.58 -7.15 21.95
N LEU A 196 -2.80 -5.83 21.91
CA LEU A 196 -3.46 -5.23 20.76
C LEU A 196 -2.41 -4.75 19.77
N THR A 197 -2.72 -4.78 18.47
CA THR A 197 -1.79 -4.24 17.48
C THR A 197 -1.97 -2.73 17.44
N PRO A 198 -0.93 -2.00 17.01
CA PRO A 198 -1.06 -0.55 16.80
C PRO A 198 -2.28 -0.23 15.94
N GLN A 199 -2.51 -1.07 14.94
CA GLN A 199 -3.60 -0.91 13.99
C GLN A 199 -4.96 -0.89 14.70
N GLN A 200 -5.17 -1.85 15.60
CA GLN A 200 -6.36 -1.87 16.43
C GLN A 200 -6.44 -0.64 17.29
N VAL A 201 -5.30 -0.17 17.78
CA VAL A 201 -5.28 1.00 18.64
C VAL A 201 -5.57 2.26 17.84
N VAL A 202 -5.11 2.31 16.60
CA VAL A 202 -5.42 3.44 15.74
C VAL A 202 -6.94 3.49 15.45
N ALA A 203 -7.53 2.33 15.21
CA ALA A 203 -8.96 2.23 14.97
C ALA A 203 -9.81 2.67 16.13
N ILE A 204 -9.32 2.51 17.35
CA ILE A 204 -10.07 2.90 18.55
C ILE A 204 -9.96 4.41 18.72
N ALA A 205 -8.79 4.94 18.38
CA ALA A 205 -8.52 6.36 18.53
C ALA A 205 -9.13 7.26 17.44
N SER A 206 -9.40 6.70 16.27
N SER A 206 -9.42 6.68 16.28
CA SER A 206 -9.78 7.53 15.11
CA SER A 206 -9.81 7.45 15.10
C SER A 206 -11.28 7.68 14.95
C SER A 206 -11.31 7.62 14.96
N ASN A 207 -11.93 8.16 16.00
CA ASN A 207 -13.34 8.51 15.99
C ASN A 207 -13.43 9.74 16.90
N GLY A 208 -14.54 10.47 16.84
CA GLY A 208 -14.79 11.47 17.86
C GLY A 208 -14.82 10.75 19.20
N GLY A 209 -14.30 11.40 20.25
CA GLY A 209 -14.26 10.80 21.57
C GLY A 209 -13.25 9.66 21.68
N GLY A 210 -12.33 9.63 20.73
CA GLY A 210 -11.26 8.65 20.71
C GLY A 210 -10.55 8.51 22.03
N LYS A 211 -10.25 9.63 22.69
CA LYS A 211 -9.63 9.59 24.00
C LYS A 211 -10.46 8.76 25.00
N GLN A 212 -11.76 9.01 25.03
CA GLN A 212 -12.66 8.31 25.92
C GLN A 212 -12.73 6.82 25.62
N ALA A 213 -12.67 6.45 24.34
CA ALA A 213 -12.78 5.05 23.99
C ALA A 213 -11.49 4.28 24.39
N LEU A 214 -10.34 4.90 24.16
CA LEU A 214 -9.06 4.31 24.55
C LEU A 214 -9.01 4.02 26.07
N GLU A 215 -9.31 5.03 26.88
CA GLU A 215 -9.20 4.89 28.32
C GLU A 215 -10.22 3.88 28.80
N THR A 216 -11.35 3.79 28.11
CA THR A 216 -12.40 2.88 28.51
C THR A 216 -12.02 1.44 28.15
N VAL A 217 -11.36 1.25 27.00
CA VAL A 217 -10.84 -0.06 26.64
C VAL A 217 -9.84 -0.52 27.71
N GLN A 218 -8.89 0.35 28.05
CA GLN A 218 -7.89 0.04 29.05
C GLN A 218 -8.53 -0.39 30.37
N ARG A 219 -9.56 0.33 30.78
CA ARG A 219 -10.22 0.08 32.04
C ARG A 219 -11.02 -1.24 32.03
N LEU A 220 -11.79 -1.46 30.97
CA LEU A 220 -12.80 -2.52 30.94
C LEU A 220 -12.43 -3.80 30.20
N LEU A 221 -11.33 -3.79 29.45
CA LEU A 221 -10.87 -4.99 28.75
C LEU A 221 -10.72 -6.24 29.66
N PRO A 222 -9.96 -6.13 30.77
CA PRO A 222 -9.86 -7.24 31.71
C PRO A 222 -11.23 -7.78 32.15
N VAL A 223 -12.09 -6.90 32.62
CA VAL A 223 -13.40 -7.31 33.07
C VAL A 223 -14.24 -7.91 31.95
N LEU A 224 -14.06 -7.43 30.73
CA LEU A 224 -14.91 -7.88 29.63
C LEU A 224 -14.47 -9.23 29.11
N CYS A 225 -13.17 -9.45 29.10
CA CYS A 225 -12.62 -10.62 28.47
C CYS A 225 -12.63 -11.85 29.35
N GLN A 226 -12.88 -11.64 30.63
CA GLN A 226 -12.71 -12.72 31.58
C GLN A 226 -14.03 -13.01 32.29
N ALA A 227 -14.74 -11.97 32.68
CA ALA A 227 -16.08 -12.14 33.26
C ALA A 227 -17.13 -12.58 32.24
N HIS A 228 -17.10 -11.96 31.06
CA HIS A 228 -18.17 -12.19 30.08
C HIS A 228 -17.76 -13.13 28.93
N GLY A 229 -16.46 -13.36 28.78
CA GLY A 229 -15.97 -14.24 27.73
C GLY A 229 -15.87 -13.58 26.37
N LEU A 230 -15.89 -12.25 26.36
CA LEU A 230 -15.68 -11.51 25.13
C LEU A 230 -14.23 -11.72 24.73
N THR A 231 -13.97 -11.85 23.43
CA THR A 231 -12.61 -11.92 22.94
C THR A 231 -12.06 -10.50 22.92
N PRO A 232 -10.72 -10.35 22.96
CA PRO A 232 -10.14 -9.02 22.74
C PRO A 232 -10.66 -8.40 21.45
N GLN A 233 -10.71 -9.20 20.40
CA GLN A 233 -11.18 -8.75 19.09
C GLN A 233 -12.62 -8.17 19.15
N GLN A 234 -13.48 -8.79 19.93
CA GLN A 234 -14.84 -8.30 20.09
C GLN A 234 -14.91 -6.95 20.82
N VAL A 235 -14.06 -6.77 21.82
CA VAL A 235 -13.95 -5.49 22.54
C VAL A 235 -13.54 -4.36 21.60
N VAL A 236 -12.45 -4.56 20.86
CA VAL A 236 -11.98 -3.58 19.88
C VAL A 236 -13.09 -3.19 18.92
N ALA A 237 -13.86 -4.16 18.46
CA ALA A 237 -14.88 -3.91 17.47
C ALA A 237 -15.89 -2.93 18.03
N ILE A 238 -16.24 -3.13 19.30
CA ILE A 238 -17.15 -2.24 19.99
C ILE A 238 -16.54 -0.85 20.18
N ALA A 239 -15.29 -0.79 20.58
CA ALA A 239 -14.69 0.50 20.87
C ALA A 239 -14.37 1.29 19.60
N SER A 240 -14.29 0.62 18.46
CA SER A 240 -13.83 1.30 17.24
C SER A 240 -14.92 1.61 16.23
N ASN A 241 -16.14 1.21 16.53
CA ASN A 241 -17.22 1.30 15.54
C ASN A 241 -18.18 2.48 15.76
N GLY A 242 -17.96 3.27 16.81
CA GLY A 242 -18.79 4.46 17.01
C GLY A 242 -19.48 4.63 18.36
N GLY A 243 -19.92 3.52 18.93
CA GLY A 243 -20.44 3.49 20.30
C GLY A 243 -19.40 3.91 21.33
N GLY A 244 -18.14 3.57 21.06
CA GLY A 244 -17.03 4.02 21.88
C GLY A 244 -17.19 3.69 23.35
N LYS A 245 -16.81 4.66 24.18
CA LYS A 245 -16.90 4.51 25.63
C LYS A 245 -18.31 4.12 26.07
N GLN A 246 -19.32 4.71 25.46
CA GLN A 246 -20.67 4.48 25.90
C GLN A 246 -21.17 3.07 25.57
N ALA A 247 -20.77 2.56 24.43
CA ALA A 247 -21.19 1.22 24.04
C ALA A 247 -20.47 0.16 24.92
N LEU A 248 -19.17 0.35 25.17
CA LEU A 248 -18.42 -0.52 26.09
C LEU A 248 -19.03 -0.63 27.48
N GLU A 249 -19.24 0.52 28.13
CA GLU A 249 -19.87 0.55 29.44
C GLU A 249 -21.24 -0.11 29.41
N THR A 250 -21.93 0.02 28.28
CA THR A 250 -23.28 -0.52 28.15
C THR A 250 -23.31 -2.02 27.86
N VAL A 251 -22.24 -2.53 27.26
CA VAL A 251 -22.09 -3.98 27.05
C VAL A 251 -21.89 -4.68 28.39
N GLN A 252 -21.03 -4.13 29.24
CA GLN A 252 -20.79 -4.73 30.55
C GLN A 252 -22.09 -4.80 31.33
N ARG A 253 -22.87 -3.73 31.27
CA ARG A 253 -24.17 -3.68 31.94
C ARG A 253 -25.20 -4.65 31.37
N LEU A 254 -25.38 -4.67 30.05
CA LEU A 254 -26.55 -5.36 29.50
C LEU A 254 -26.29 -6.67 28.78
N LEU A 255 -25.05 -7.13 28.75
CA LEU A 255 -24.80 -8.44 28.15
C LEU A 255 -25.55 -9.56 28.90
N PRO A 256 -25.38 -9.64 30.24
CA PRO A 256 -26.07 -10.75 30.90
C PRO A 256 -27.59 -10.60 30.85
N VAL A 257 -28.08 -9.40 31.11
CA VAL A 257 -29.51 -9.08 31.03
C VAL A 257 -30.19 -9.44 29.68
N LEU A 258 -29.56 -9.04 28.57
CA LEU A 258 -30.07 -9.38 27.25
C LEU A 258 -29.98 -10.89 26.93
N CYS A 259 -28.89 -11.55 27.34
CA CYS A 259 -28.76 -13.00 27.12
C CYS A 259 -29.76 -13.87 27.92
N GLN A 260 -29.69 -13.81 29.24
CA GLN A 260 -30.60 -14.56 30.10
C GLN A 260 -32.07 -14.29 29.78
N ALA A 261 -32.47 -13.01 29.83
CA ALA A 261 -33.87 -12.60 29.73
C ALA A 261 -34.50 -12.63 28.32
N HIS A 262 -33.66 -12.73 27.30
CA HIS A 262 -34.14 -12.72 25.93
C HIS A 262 -33.50 -13.79 25.04
N GLY A 263 -32.53 -14.51 25.58
CA GLY A 263 -31.91 -15.60 24.83
C GLY A 263 -31.04 -15.14 23.68
N LEU A 264 -30.61 -13.89 23.72
CA LEU A 264 -29.67 -13.43 22.72
C LEU A 264 -28.32 -14.02 23.05
N THR A 265 -27.56 -14.32 22.01
CA THR A 265 -26.20 -14.82 22.16
C THR A 265 -25.30 -13.63 22.42
N PRO A 266 -24.10 -13.88 22.97
CA PRO A 266 -23.14 -12.78 23.07
C PRO A 266 -22.77 -12.24 21.70
N GLN A 267 -22.74 -13.09 20.68
CA GLN A 267 -22.35 -12.66 19.34
C GLN A 267 -23.28 -11.58 18.82
N GLN A 268 -24.58 -11.80 19.04
CA GLN A 268 -25.61 -10.86 18.63
C GLN A 268 -25.54 -9.52 19.40
N VAL A 269 -25.19 -9.59 20.68
CA VAL A 269 -25.06 -8.41 21.53
C VAL A 269 -23.92 -7.50 21.08
N VAL A 270 -22.78 -8.12 20.78
CA VAL A 270 -21.65 -7.40 20.23
C VAL A 270 -21.99 -6.69 18.92
N ALA A 271 -22.75 -7.36 18.06
CA ALA A 271 -23.14 -6.78 16.79
C ALA A 271 -24.06 -5.56 16.94
N ILE A 272 -24.95 -5.59 17.92
CA ILE A 272 -25.78 -4.44 18.24
C ILE A 272 -24.93 -3.27 18.75
N ALA A 273 -23.97 -3.59 19.61
CA ALA A 273 -23.07 -2.61 20.24
C ALA A 273 -22.05 -2.01 19.28
N SER A 274 -21.73 -2.76 18.22
CA SER A 274 -20.65 -2.36 17.33
C SER A 274 -21.08 -1.37 16.25
N ASN A 275 -21.83 -0.37 16.68
CA ASN A 275 -22.31 0.66 15.79
C ASN A 275 -22.28 1.98 16.47
N TRP A 276 -22.53 3.04 15.70
CA TRP A 276 -22.73 4.36 16.26
C TRP A 276 -24.01 4.37 17.05
N GLY A 277 -23.94 4.89 18.27
CA GLY A 277 -25.09 4.92 19.16
C GLY A 277 -25.46 3.54 19.68
N GLY A 278 -24.44 2.67 19.82
CA GLY A 278 -24.61 1.31 20.28
C GLY A 278 -25.31 1.24 21.64
N LYS A 279 -24.90 2.12 22.55
CA LYS A 279 -25.49 2.20 23.87
C LYS A 279 -26.99 2.37 23.72
N GLN A 280 -27.37 3.29 22.87
CA GLN A 280 -28.76 3.60 22.61
C GLN A 280 -29.49 2.41 22.00
N ALA A 281 -28.79 1.66 21.15
CA ALA A 281 -29.42 0.54 20.47
C ALA A 281 -29.67 -0.60 21.46
N LEU A 282 -28.70 -0.83 22.33
CA LEU A 282 -28.82 -1.88 23.35
C LEU A 282 -29.97 -1.63 24.30
N GLU A 283 -30.00 -0.44 24.89
CA GLU A 283 -31.04 -0.08 25.83
C GLU A 283 -32.40 -0.11 25.17
N THR A 284 -32.45 0.23 23.89
CA THR A 284 -33.72 0.25 23.21
C THR A 284 -34.22 -1.17 22.99
N VAL A 285 -33.31 -2.09 22.74
CA VAL A 285 -33.64 -3.50 22.52
C VAL A 285 -34.19 -4.14 23.80
N GLN A 286 -33.50 -3.87 24.92
CA GLN A 286 -33.94 -4.32 26.24
C GLN A 286 -35.39 -3.93 26.51
N ARG A 287 -35.71 -2.66 26.27
CA ARG A 287 -37.07 -2.15 26.38
C ARG A 287 -38.01 -2.79 25.38
N LEU A 288 -37.59 -2.81 24.12
CA LEU A 288 -38.54 -2.98 23.01
C LEU A 288 -38.67 -4.39 22.42
N LEU A 289 -37.64 -5.23 22.55
CA LEU A 289 -37.72 -6.59 22.01
C LEU A 289 -39.07 -7.31 22.30
N PRO A 290 -39.49 -7.38 23.58
CA PRO A 290 -40.77 -8.03 23.87
C PRO A 290 -42.00 -7.38 23.22
N VAL A 291 -42.06 -6.05 23.20
CA VAL A 291 -43.15 -5.35 22.54
C VAL A 291 -43.21 -5.69 21.05
N LEU A 292 -42.04 -5.85 20.43
CA LEU A 292 -41.98 -6.12 19.00
C LEU A 292 -42.32 -7.58 18.72
N CYS A 293 -41.78 -8.49 19.52
CA CYS A 293 -42.03 -9.92 19.34
C CYS A 293 -43.21 -10.39 20.18
N GLN A 294 -44.29 -9.61 20.16
CA GLN A 294 -45.50 -9.96 20.90
C GLN A 294 -46.55 -10.55 19.96
N ALA A 295 -47.32 -11.50 20.48
CA ALA A 295 -48.37 -12.15 19.68
C ALA A 295 -47.80 -12.71 18.38
N HIS A 296 -46.58 -13.22 18.45
CA HIS A 296 -45.93 -13.81 17.28
C HIS A 296 -45.39 -12.74 16.33
N GLY A 297 -45.21 -11.53 16.85
CA GLY A 297 -44.68 -10.43 16.04
C GLY A 297 -43.30 -10.73 15.53
N LEU A 298 -42.58 -9.69 15.13
CA LEU A 298 -41.22 -9.84 14.63
C LEU A 298 -40.42 -10.77 15.53
N THR A 299 -39.69 -11.70 14.92
CA THR A 299 -38.89 -12.66 15.70
C THR A 299 -37.70 -11.94 16.35
N PRO A 300 -37.10 -12.56 17.38
CA PRO A 300 -35.86 -12.04 17.97
C PRO A 300 -34.79 -11.68 16.94
N GLN A 301 -34.54 -12.60 16.01
CA GLN A 301 -33.54 -12.43 14.95
C GLN A 301 -33.77 -11.17 14.11
N GLN A 302 -35.03 -10.89 13.81
CA GLN A 302 -35.39 -9.72 13.04
C GLN A 302 -35.13 -8.45 13.86
N VAL A 303 -35.39 -8.52 15.16
CA VAL A 303 -35.17 -7.38 16.03
C VAL A 303 -33.68 -7.07 16.12
N VAL A 304 -32.85 -8.10 16.21
CA VAL A 304 -31.41 -7.91 16.27
C VAL A 304 -30.90 -7.25 14.99
N ALA A 305 -31.43 -7.70 13.86
CA ALA A 305 -31.01 -7.23 12.55
C ALA A 305 -31.24 -5.72 12.41
N ILE A 306 -32.39 -5.26 12.87
CA ILE A 306 -32.74 -3.85 12.81
C ILE A 306 -31.87 -3.03 13.74
N ALA A 307 -31.56 -3.65 14.87
CA ALA A 307 -30.84 -2.99 15.95
C ALA A 307 -29.38 -2.82 15.58
N SER A 308 -28.90 -3.73 14.73
CA SER A 308 -27.47 -3.85 14.44
C SER A 308 -26.97 -2.90 13.34
N ASN A 309 -27.46 -1.66 13.38
CA ASN A 309 -27.05 -0.60 12.47
C ASN A 309 -26.95 0.73 13.24
N GLY A 310 -26.29 1.71 12.64
CA GLY A 310 -26.13 2.99 13.29
C GLY A 310 -27.47 3.66 13.41
N GLY A 311 -27.75 4.27 14.58
CA GLY A 311 -29.06 4.80 14.87
C GLY A 311 -30.14 3.72 14.97
N GLY A 312 -29.72 2.48 15.22
CA GLY A 312 -30.63 1.36 15.40
C GLY A 312 -31.76 1.61 16.41
N LYS A 313 -31.51 2.45 17.41
CA LYS A 313 -32.57 2.89 18.33
C LYS A 313 -33.69 3.60 17.58
N GLN A 314 -33.30 4.47 16.65
CA GLN A 314 -34.29 5.21 15.87
C GLN A 314 -35.05 4.25 14.98
N ALA A 315 -34.33 3.31 14.38
CA ALA A 315 -34.95 2.31 13.56
C ALA A 315 -35.99 1.49 14.34
N LEU A 316 -35.63 0.97 15.50
CA LEU A 316 -36.56 0.17 16.32
C LEU A 316 -37.85 0.91 16.67
N GLU A 317 -37.70 2.10 17.22
CA GLU A 317 -38.86 2.92 17.56
C GLU A 317 -39.76 3.22 16.37
N THR A 318 -39.14 3.43 15.21
CA THR A 318 -39.91 3.83 14.03
C THR A 318 -40.68 2.63 13.46
N VAL A 319 -40.10 1.44 13.61
CA VAL A 319 -40.79 0.21 13.25
C VAL A 319 -42.05 0.01 14.10
N GLN A 320 -41.88 0.09 15.42
CA GLN A 320 -42.97 -0.04 16.37
C GLN A 320 -44.12 0.90 16.02
N ARG A 321 -43.76 2.08 15.52
CA ARG A 321 -44.74 3.08 15.13
C ARG A 321 -45.36 2.77 13.77
N LEU A 322 -44.55 2.23 12.86
CA LEU A 322 -44.94 2.14 11.46
C LEU A 322 -45.22 0.72 10.97
N LEU A 323 -44.76 -0.29 11.70
CA LEU A 323 -45.05 -1.68 11.32
C LEU A 323 -46.54 -1.88 11.01
N PRO A 324 -47.45 -1.52 11.96
CA PRO A 324 -48.87 -1.64 11.62
C PRO A 324 -49.31 -0.83 10.41
N VAL A 325 -49.04 0.48 10.38
CA VAL A 325 -49.56 1.35 9.33
C VAL A 325 -49.06 0.98 7.93
N LEU A 326 -47.83 0.52 7.82
CA LEU A 326 -47.24 0.18 6.53
C LEU A 326 -47.71 -1.18 6.03
N CYS A 327 -47.87 -2.12 6.96
CA CYS A 327 -48.32 -3.46 6.60
C CYS A 327 -49.77 -3.42 6.15
N GLN A 328 -50.59 -2.77 6.93
CA GLN A 328 -52.00 -2.68 6.62
C GLN A 328 -52.20 -1.69 5.48
N ALA A 329 -52.27 -0.40 5.80
CA ALA A 329 -52.64 0.64 4.84
C ALA A 329 -51.75 0.76 3.59
N HIS A 330 -50.69 -0.03 3.49
CA HIS A 330 -49.79 0.05 2.34
C HIS A 330 -49.53 -1.31 1.71
N GLY A 331 -50.00 -2.35 2.37
CA GLY A 331 -49.78 -3.71 1.90
C GLY A 331 -48.31 -4.08 1.78
N LEU A 332 -47.59 -4.09 2.91
CA LEU A 332 -46.22 -4.57 2.96
C LEU A 332 -46.07 -5.71 3.97
N THR A 333 -45.37 -6.78 3.60
CA THR A 333 -45.12 -7.85 4.56
C THR A 333 -44.16 -7.36 5.64
N PRO A 334 -44.40 -7.77 6.91
CA PRO A 334 -43.48 -7.51 8.04
C PRO A 334 -42.04 -7.72 7.63
N GLN A 335 -41.81 -8.75 6.81
CA GLN A 335 -40.50 -9.04 6.26
C GLN A 335 -39.92 -7.88 5.44
N GLN A 336 -40.78 -7.22 4.66
CA GLN A 336 -40.34 -6.08 3.86
C GLN A 336 -40.03 -4.86 4.76
N VAL A 337 -40.91 -4.57 5.71
CA VAL A 337 -40.65 -3.52 6.68
C VAL A 337 -39.33 -3.73 7.40
N VAL A 338 -39.04 -4.98 7.77
CA VAL A 338 -37.79 -5.30 8.45
C VAL A 338 -36.61 -5.04 7.54
N ALA A 339 -36.81 -5.27 6.25
CA ALA A 339 -35.75 -5.08 5.28
C ALA A 339 -35.33 -3.60 5.20
N ILE A 340 -36.32 -2.71 5.13
CA ILE A 340 -36.06 -1.30 4.93
C ILE A 340 -35.43 -0.66 6.16
N ALA A 341 -35.72 -1.25 7.31
CA ALA A 341 -35.26 -0.70 8.58
C ALA A 341 -33.87 -1.20 8.94
N SER A 342 -33.38 -2.18 8.20
CA SER A 342 -32.13 -2.87 8.60
C SER A 342 -30.89 -2.24 7.96
N HIS A 343 -30.85 -0.91 7.95
CA HIS A 343 -29.71 -0.17 7.44
C HIS A 343 -29.54 1.09 8.26
N ASP A 344 -28.34 1.66 8.22
CA ASP A 344 -28.10 3.00 8.76
C ASP A 344 -29.15 3.97 8.23
N GLY A 345 -29.84 4.66 9.15
CA GLY A 345 -30.84 5.62 8.74
C GLY A 345 -32.19 4.98 8.50
N GLY A 346 -32.35 3.74 8.99
CA GLY A 346 -33.59 3.00 8.86
C GLY A 346 -34.85 3.80 9.19
N LYS A 347 -34.76 4.65 10.22
CA LYS A 347 -35.85 5.53 10.54
C LYS A 347 -36.21 6.42 9.35
N GLN A 348 -35.21 7.04 8.74
CA GLN A 348 -35.43 7.95 7.62
C GLN A 348 -36.07 7.22 6.43
N ALA A 349 -35.60 6.01 6.16
CA ALA A 349 -36.12 5.24 5.06
C ALA A 349 -37.58 4.82 5.26
N LEU A 350 -37.89 4.23 6.42
CA LEU A 350 -39.27 3.87 6.75
C LEU A 350 -40.23 5.06 6.60
N GLU A 351 -39.79 6.21 7.08
CA GLU A 351 -40.61 7.40 7.02
C GLU A 351 -40.82 7.82 5.58
N THR A 352 -39.78 7.65 4.78
CA THR A 352 -39.86 8.11 3.41
C THR A 352 -40.66 7.13 2.56
N VAL A 353 -40.55 5.84 2.86
CA VAL A 353 -41.42 4.86 2.23
C VAL A 353 -42.88 5.20 2.49
N GLN A 354 -43.23 5.38 3.76
CA GLN A 354 -44.58 5.78 4.14
C GLN A 354 -45.05 7.03 3.41
N ARG A 355 -44.15 7.98 3.21
CA ARG A 355 -44.52 9.22 2.54
C ARG A 355 -44.64 9.08 1.01
N LEU A 356 -43.73 8.33 0.40
CA LEU A 356 -43.62 8.34 -1.06
C LEU A 356 -44.07 7.06 -1.78
N LEU A 357 -44.27 5.98 -1.03
CA LEU A 357 -44.75 4.73 -1.63
C LEU A 357 -46.00 4.97 -2.45
N PRO A 358 -47.02 5.67 -1.89
CA PRO A 358 -48.14 6.09 -2.75
C PRO A 358 -47.71 6.81 -4.03
N VAL A 359 -46.82 7.79 -3.92
CA VAL A 359 -46.50 8.65 -5.06
C VAL A 359 -45.66 7.94 -6.12
N LEU A 360 -44.83 7.01 -5.68
CA LEU A 360 -43.92 6.30 -6.58
C LEU A 360 -44.65 5.26 -7.43
N CYS A 361 -45.66 4.63 -6.84
CA CYS A 361 -46.44 3.64 -7.53
C CYS A 361 -47.48 4.25 -8.46
N GLN A 362 -48.23 5.24 -7.97
CA GLN A 362 -49.32 5.84 -8.73
C GLN A 362 -48.79 6.77 -9.83
N ALA A 363 -47.82 7.61 -9.49
CA ALA A 363 -47.37 8.65 -10.41
C ALA A 363 -46.20 8.27 -11.32
N HIS A 364 -45.50 7.18 -10.98
CA HIS A 364 -44.31 6.73 -11.73
C HIS A 364 -44.38 5.25 -12.10
N GLY A 365 -45.43 4.59 -11.66
CA GLY A 365 -45.69 3.22 -12.04
C GLY A 365 -44.71 2.18 -11.54
N LEU A 366 -44.17 2.36 -10.33
CA LEU A 366 -43.32 1.31 -9.75
C LEU A 366 -44.14 0.34 -8.92
N THR A 367 -43.56 -0.84 -8.66
CA THR A 367 -44.15 -1.76 -7.70
C THR A 367 -43.74 -1.36 -6.30
N PRO A 368 -44.49 -1.82 -5.30
CA PRO A 368 -43.99 -1.79 -3.92
C PRO A 368 -42.63 -2.47 -3.80
N GLU A 369 -42.45 -3.59 -4.48
CA GLU A 369 -41.23 -4.39 -4.37
C GLU A 369 -40.03 -3.60 -4.85
N GLN A 370 -40.26 -2.72 -5.81
CA GLN A 370 -39.22 -1.84 -6.33
C GLN A 370 -38.92 -0.68 -5.37
N VAL A 371 -39.99 -0.12 -4.81
CA VAL A 371 -39.85 0.93 -3.81
C VAL A 371 -39.14 0.38 -2.57
N VAL A 372 -39.46 -0.85 -2.20
CA VAL A 372 -38.75 -1.53 -1.10
C VAL A 372 -37.28 -1.72 -1.43
N ALA A 373 -36.99 -2.05 -2.68
CA ALA A 373 -35.60 -2.37 -3.05
C ALA A 373 -34.72 -1.14 -3.00
N ILE A 374 -35.26 -0.01 -3.46
CA ILE A 374 -34.54 1.26 -3.44
C ILE A 374 -34.24 1.70 -1.99
N ALA A 375 -35.25 1.54 -1.14
CA ALA A 375 -35.21 1.99 0.25
C ALA A 375 -34.30 1.14 1.12
N SER A 376 -34.16 -0.14 0.76
CA SER A 376 -33.44 -1.12 1.58
C SER A 376 -31.94 -1.06 1.37
N ASN A 377 -31.37 0.13 1.51
CA ASN A 377 -29.92 0.38 1.49
C ASN A 377 -29.67 1.56 2.41
N GLY A 378 -28.44 1.74 2.88
CA GLY A 378 -28.13 2.94 3.62
C GLY A 378 -28.39 4.18 2.77
N GLY A 379 -28.96 5.21 3.37
CA GLY A 379 -29.33 6.42 2.64
C GLY A 379 -30.55 6.26 1.74
N GLY A 380 -31.34 5.24 2.02
CA GLY A 380 -32.51 4.90 1.23
C GLY A 380 -33.46 6.06 1.07
N LYS A 381 -33.54 6.90 2.08
CA LYS A 381 -34.33 8.13 2.00
C LYS A 381 -33.85 8.99 0.85
N GLN A 382 -32.54 9.12 0.74
CA GLN A 382 -31.95 9.93 -0.32
C GLN A 382 -32.21 9.30 -1.69
N ALA A 383 -32.01 7.99 -1.81
CA ALA A 383 -32.29 7.31 -3.07
C ALA A 383 -33.77 7.42 -3.49
N LEU A 384 -34.68 7.28 -2.52
CA LEU A 384 -36.11 7.43 -2.77
C LEU A 384 -36.46 8.84 -3.26
N GLU A 385 -35.92 9.85 -2.59
CA GLU A 385 -36.20 11.23 -3.00
C GLU A 385 -35.62 11.55 -4.36
N THR A 386 -34.47 10.96 -4.67
CA THR A 386 -33.79 11.24 -5.92
C THR A 386 -34.46 10.52 -7.10
N VAL A 387 -34.95 9.31 -6.88
CA VAL A 387 -35.79 8.63 -7.88
C VAL A 387 -37.04 9.44 -8.18
N GLN A 388 -37.69 9.96 -7.15
CA GLN A 388 -38.91 10.71 -7.39
C GLN A 388 -38.63 11.95 -8.24
N ARG A 389 -37.53 12.64 -7.97
CA ARG A 389 -37.21 13.86 -8.70
C ARG A 389 -36.79 13.54 -10.14
N LEU A 390 -36.02 12.47 -10.30
CA LEU A 390 -35.24 12.29 -11.53
C LEU A 390 -35.73 11.20 -12.46
N LEU A 391 -36.68 10.38 -11.99
CA LEU A 391 -37.23 9.32 -12.82
C LEU A 391 -37.68 9.84 -14.20
N PRO A 392 -38.49 10.93 -14.25
CA PRO A 392 -38.90 11.52 -15.54
C PRO A 392 -37.78 12.01 -16.46
N VAL A 393 -36.82 12.79 -15.97
CA VAL A 393 -35.79 13.31 -16.86
C VAL A 393 -34.88 12.18 -17.39
N LEU A 394 -34.73 11.11 -16.62
CA LEU A 394 -33.87 9.98 -16.97
C LEU A 394 -34.52 9.09 -18.02
N CYS A 395 -35.74 8.66 -17.72
CA CYS A 395 -36.57 7.95 -18.67
C CYS A 395 -36.88 8.76 -19.96
N GLN A 396 -37.45 9.95 -19.79
CA GLN A 396 -37.88 10.72 -20.95
C GLN A 396 -36.77 11.42 -21.73
N ALA A 397 -35.93 12.19 -21.04
CA ALA A 397 -34.87 12.92 -21.74
C ALA A 397 -33.64 12.06 -22.08
N HIS A 398 -33.39 11.02 -21.29
CA HIS A 398 -32.16 10.24 -21.45
C HIS A 398 -32.36 8.84 -22.03
N GLY A 399 -33.59 8.36 -22.11
CA GLY A 399 -33.85 7.08 -22.76
C GLY A 399 -33.93 5.86 -21.84
N LEU A 400 -33.55 6.03 -20.58
CA LEU A 400 -33.48 4.89 -19.68
C LEU A 400 -34.87 4.33 -19.36
N THR A 401 -34.94 3.03 -19.10
CA THR A 401 -36.17 2.41 -18.63
C THR A 401 -36.27 2.61 -17.13
N PRO A 402 -37.51 2.53 -16.60
CA PRO A 402 -37.70 2.50 -15.14
C PRO A 402 -36.88 1.41 -14.42
N GLU A 403 -36.75 0.23 -15.04
CA GLU A 403 -36.00 -0.87 -14.43
C GLU A 403 -34.51 -0.52 -14.26
N GLN A 404 -33.99 0.29 -15.17
CA GLN A 404 -32.59 0.69 -15.15
C GLN A 404 -32.39 1.75 -14.09
N VAL A 405 -33.31 2.70 -14.04
CA VAL A 405 -33.25 3.78 -13.08
C VAL A 405 -33.36 3.18 -11.69
N VAL A 406 -34.24 2.20 -11.52
CA VAL A 406 -34.35 1.52 -10.23
C VAL A 406 -33.06 0.82 -9.88
N ALA A 407 -32.43 0.20 -10.88
CA ALA A 407 -31.15 -0.51 -10.67
C ALA A 407 -30.07 0.43 -10.14
N ILE A 408 -29.94 1.60 -10.73
CA ILE A 408 -28.92 2.55 -10.28
C ILE A 408 -29.15 3.01 -8.86
N ALA A 409 -30.41 2.98 -8.45
CA ALA A 409 -30.82 3.57 -7.20
C ALA A 409 -30.70 2.57 -6.04
N SER A 410 -30.57 1.29 -6.37
CA SER A 410 -30.66 0.21 -5.37
C SER A 410 -29.32 -0.20 -4.76
N HIS A 411 -28.53 0.79 -4.36
CA HIS A 411 -27.23 0.60 -3.76
C HIS A 411 -27.00 1.76 -2.82
N ASP A 412 -26.18 1.58 -1.80
CA ASP A 412 -25.68 2.73 -1.03
C ASP A 412 -25.19 3.80 -2.01
N GLY A 413 -25.49 5.06 -1.70
CA GLY A 413 -25.09 6.14 -2.59
C GLY A 413 -25.97 6.26 -3.84
N GLY A 414 -27.05 5.48 -3.90
CA GLY A 414 -28.00 5.56 -4.99
C GLY A 414 -28.34 6.97 -5.47
N LYS A 415 -28.51 7.90 -4.54
CA LYS A 415 -28.73 9.30 -4.89
C LYS A 415 -27.55 9.90 -5.66
N GLN A 416 -26.34 9.72 -5.14
CA GLN A 416 -25.13 10.14 -5.86
C GLN A 416 -25.02 9.49 -7.25
N ALA A 417 -25.36 8.21 -7.33
CA ALA A 417 -25.29 7.50 -8.58
C ALA A 417 -26.28 8.06 -9.61
N LEU A 418 -27.50 8.41 -9.18
CA LEU A 418 -28.53 8.96 -10.06
C LEU A 418 -28.19 10.35 -10.57
N GLU A 419 -27.78 11.25 -9.66
CA GLU A 419 -27.45 12.61 -10.05
C GLU A 419 -26.30 12.62 -11.02
N THR A 420 -25.32 11.75 -10.78
CA THR A 420 -24.11 11.68 -11.58
C THR A 420 -24.40 11.08 -12.96
N VAL A 421 -25.27 10.08 -13.02
CA VAL A 421 -25.65 9.53 -14.32
C VAL A 421 -26.32 10.61 -15.16
N GLN A 422 -27.33 11.26 -14.59
CA GLN A 422 -28.10 12.31 -15.26
C GLN A 422 -27.19 13.43 -15.71
N ARG A 423 -26.08 13.58 -15.01
N ARG A 423 -26.10 13.61 -14.99
CA ARG A 423 -25.14 14.67 -15.26
CA ARG A 423 -25.15 14.67 -15.30
C ARG A 423 -24.12 14.30 -16.34
C ARG A 423 -24.23 14.25 -16.44
N LEU A 424 -23.67 13.04 -16.32
CA LEU A 424 -22.60 12.62 -17.23
C LEU A 424 -23.02 11.69 -18.36
N LEU A 425 -24.28 11.26 -18.41
CA LEU A 425 -24.67 10.35 -19.49
C LEU A 425 -24.46 10.92 -20.92
N PRO A 426 -24.87 12.17 -21.19
CA PRO A 426 -24.67 12.65 -22.56
C PRO A 426 -23.20 12.73 -23.05
N VAL A 427 -22.28 13.24 -22.25
CA VAL A 427 -20.88 13.26 -22.69
C VAL A 427 -20.27 11.85 -22.78
N LEU A 428 -20.67 10.96 -21.87
CA LEU A 428 -20.20 9.58 -21.95
C LEU A 428 -20.67 8.87 -23.21
N CYS A 429 -21.90 9.14 -23.61
CA CYS A 429 -22.48 8.47 -24.75
C CYS A 429 -22.20 9.25 -26.03
N GLN A 430 -22.63 10.51 -26.03
CA GLN A 430 -22.53 11.36 -27.21
C GLN A 430 -21.10 11.71 -27.59
N ALA A 431 -20.27 12.00 -26.59
CA ALA A 431 -18.89 12.44 -26.87
C ALA A 431 -17.83 11.32 -26.88
N HIS A 432 -18.11 10.17 -26.25
CA HIS A 432 -17.10 9.11 -26.22
C HIS A 432 -17.62 7.72 -26.59
N GLY A 433 -18.89 7.65 -26.97
CA GLY A 433 -19.42 6.45 -27.60
C GLY A 433 -19.75 5.29 -26.69
N LEU A 434 -19.82 5.53 -25.38
CA LEU A 434 -20.28 4.49 -24.47
C LEU A 434 -21.77 4.26 -24.69
N THR A 435 -22.21 3.00 -24.56
CA THR A 435 -23.63 2.74 -24.63
C THR A 435 -24.29 3.09 -23.28
N PRO A 436 -25.58 3.40 -23.32
CA PRO A 436 -26.34 3.63 -22.08
C PRO A 436 -26.22 2.44 -21.12
N GLN A 437 -26.43 1.23 -21.64
CA GLN A 437 -26.37 -0.01 -20.87
C GLN A 437 -25.05 -0.10 -20.13
N GLN A 438 -23.98 0.41 -20.74
CA GLN A 438 -22.67 0.35 -20.11
C GLN A 438 -22.60 1.33 -18.96
N VAL A 439 -23.18 2.51 -19.17
CA VAL A 439 -23.20 3.57 -18.17
C VAL A 439 -24.03 3.13 -16.96
N VAL A 440 -25.18 2.53 -17.25
CA VAL A 440 -26.01 1.92 -16.24
C VAL A 440 -25.28 0.80 -15.47
N ALA A 441 -24.52 -0.03 -16.18
CA ALA A 441 -23.76 -1.11 -15.53
C ALA A 441 -22.82 -0.51 -14.50
N ILE A 442 -21.98 0.40 -14.97
CA ILE A 442 -21.02 1.09 -14.11
C ILE A 442 -21.68 1.70 -12.88
N ALA A 443 -22.78 2.40 -13.08
CA ALA A 443 -23.36 3.11 -11.95
C ALA A 443 -24.28 2.25 -11.05
N SER A 444 -24.49 1.00 -11.43
CA SER A 444 -25.30 0.08 -10.63
C SER A 444 -24.47 -0.71 -9.63
N ASN A 445 -23.64 0.00 -8.86
CA ASN A 445 -22.87 -0.56 -7.75
C ASN A 445 -22.65 0.55 -6.74
N GLY A 446 -22.44 0.19 -5.47
CA GLY A 446 -21.96 1.16 -4.50
C GLY A 446 -20.73 1.81 -5.05
N GLY A 447 -20.60 3.12 -4.86
CA GLY A 447 -19.48 3.85 -5.43
C GLY A 447 -19.73 4.15 -6.91
N GLY A 448 -21.00 4.11 -7.31
CA GLY A 448 -21.40 4.41 -8.68
C GLY A 448 -20.89 5.76 -9.14
N ARG A 449 -21.08 6.79 -8.32
CA ARG A 449 -20.64 8.15 -8.69
C ARG A 449 -19.15 8.25 -8.98
N PRO A 450 -18.27 7.85 -8.03
CA PRO A 450 -16.85 8.06 -8.34
C PRO A 450 -16.35 7.17 -9.49
N ALA A 451 -16.91 5.99 -9.68
CA ALA A 451 -16.56 5.15 -10.82
C ALA A 451 -16.84 5.89 -12.13
N LEU A 452 -18.03 6.49 -12.24
CA LEU A 452 -18.38 7.27 -13.42
C LEU A 452 -17.49 8.51 -13.58
N GLU A 453 -17.15 9.17 -12.49
CA GLU A 453 -16.25 10.32 -12.56
C GLU A 453 -14.85 9.91 -13.03
N SER A 454 -14.33 8.82 -12.47
CA SER A 454 -13.04 8.30 -12.89
C SER A 454 -13.00 8.09 -14.40
N ILE A 455 -13.92 7.27 -14.91
CA ILE A 455 -14.09 7.05 -16.34
C ILE A 455 -14.07 8.32 -17.21
N VAL A 456 -14.93 9.29 -16.90
CA VAL A 456 -14.99 10.55 -17.67
C VAL A 456 -13.67 11.34 -17.60
N ALA A 457 -13.03 11.31 -16.43
CA ALA A 457 -11.74 11.97 -16.25
C ALA A 457 -10.68 11.41 -17.20
N GLN A 458 -10.76 10.10 -17.46
CA GLN A 458 -9.77 9.41 -18.28
C GLN A 458 -10.05 9.52 -19.77
N LEU A 459 -11.32 9.64 -20.12
CA LEU A 459 -11.70 9.86 -21.50
C LEU A 459 -11.52 11.32 -21.93
N SER A 460 -11.42 12.24 -20.97
CA SER A 460 -11.33 13.66 -21.34
C SER A 460 -9.97 14.33 -21.04
N ARG A 461 -9.24 13.84 -20.05
CA ARG A 461 -7.82 14.15 -19.91
C ARG A 461 -7.08 12.84 -19.64
N PRO A 462 -6.83 12.07 -20.71
CA PRO A 462 -6.29 10.71 -20.60
C PRO A 462 -4.93 10.61 -19.93
N ASP A 463 -4.75 9.53 -19.18
CA ASP A 463 -3.44 9.18 -18.63
C ASP A 463 -2.84 8.07 -19.48
N PRO A 464 -1.62 8.28 -20.00
CA PRO A 464 -0.90 7.20 -20.68
C PRO A 464 -0.89 5.91 -19.85
N ALA A 465 -0.94 6.04 -18.53
CA ALA A 465 -1.00 4.91 -17.60
C ALA A 465 -2.19 3.96 -17.85
N LEU A 466 -3.20 4.44 -18.55
CA LEU A 466 -4.44 3.69 -18.75
C LEU A 466 -4.77 3.53 -20.24
N ALA A 467 -3.92 4.07 -21.11
CA ALA A 467 -4.24 4.19 -22.53
C ALA A 467 -4.17 2.87 -23.29
N ALA A 468 -3.44 1.91 -22.74
CA ALA A 468 -3.40 0.54 -23.26
C ALA A 468 -4.75 -0.19 -23.15
N LEU A 469 -5.70 0.41 -22.42
CA LEU A 469 -7.04 -0.19 -22.24
C LEU A 469 -8.09 0.39 -23.19
N THR A 470 -8.95 -0.49 -23.71
CA THR A 470 -10.04 -0.05 -24.58
C THR A 470 -11.17 0.52 -23.74
N ASN A 471 -12.13 1.15 -24.41
CA ASN A 471 -13.30 1.67 -23.72
C ASN A 471 -14.00 0.52 -23.01
N ASP A 472 -14.13 -0.62 -23.70
CA ASP A 472 -14.82 -1.76 -23.12
C ASP A 472 -14.07 -2.34 -21.92
N HIS A 473 -12.74 -2.29 -21.98
CA HIS A 473 -11.94 -2.77 -20.87
C HIS A 473 -12.17 -1.88 -19.66
N LEU A 474 -12.05 -0.56 -19.85
CA LEU A 474 -12.28 0.41 -18.80
C LEU A 474 -13.66 0.21 -18.15
N VAL A 475 -14.66 -0.05 -18.98
CA VAL A 475 -16.00 -0.34 -18.49
C VAL A 475 -16.02 -1.64 -17.68
N ALA A 476 -15.42 -2.69 -18.22
CA ALA A 476 -15.34 -3.96 -17.53
C ALA A 476 -14.69 -3.79 -16.15
N LEU A 477 -13.67 -2.94 -16.11
CA LEU A 477 -12.90 -2.66 -14.91
C LEU A 477 -13.70 -1.83 -13.91
N ALA A 478 -14.39 -0.83 -14.43
CA ALA A 478 -15.17 0.04 -13.58
C ALA A 478 -16.34 -0.71 -12.96
N CYS A 479 -16.90 -1.69 -13.66
CA CYS A 479 -17.99 -2.48 -13.09
C CYS A 479 -17.42 -3.42 -12.05
N LEU A 480 -16.18 -3.86 -12.28
CA LEU A 480 -15.57 -4.82 -11.39
C LEU A 480 -15.17 -4.23 -10.03
N GLY A 481 -14.56 -3.05 -10.03
CA GLY A 481 -14.02 -2.48 -8.80
C GLY A 481 -14.04 -0.97 -8.70
N GLY A 482 -14.77 -0.34 -9.61
CA GLY A 482 -15.01 1.09 -9.53
C GLY A 482 -13.73 1.91 -9.61
N ARG A 483 -13.81 3.13 -9.08
CA ARG A 483 -12.64 4.01 -8.96
C ARG A 483 -11.40 3.34 -8.36
N PRO A 484 -11.53 2.57 -7.26
CA PRO A 484 -10.33 1.90 -6.75
C PRO A 484 -9.62 1.04 -7.80
N ALA A 485 -10.36 0.23 -8.55
CA ALA A 485 -9.77 -0.63 -9.58
C ALA A 485 -9.07 0.16 -10.67
N LEU A 486 -9.61 1.32 -11.04
CA LEU A 486 -8.96 2.18 -12.01
C LEU A 486 -7.72 2.84 -11.39
N ASP A 487 -7.81 3.25 -10.14
CA ASP A 487 -6.67 3.90 -9.50
C ASP A 487 -5.50 2.95 -9.42
N ALA A 488 -5.78 1.71 -9.05
CA ALA A 488 -4.76 0.68 -8.94
C ALA A 488 -4.03 0.47 -10.29
N VAL A 489 -4.82 0.17 -11.32
CA VAL A 489 -4.30 -0.03 -12.68
C VAL A 489 -3.40 1.15 -13.10
N LYS A 490 -3.78 2.35 -12.69
CA LYS A 490 -3.01 3.55 -12.98
C LYS A 490 -1.62 3.45 -12.37
N LYS A 491 -1.53 2.86 -11.17
CA LYS A 491 -0.26 2.71 -10.48
C LYS A 491 0.59 1.55 -11.03
N LEU A 492 0.31 1.14 -12.26
CA LEU A 492 1.01 0.02 -12.91
C LEU A 492 1.20 0.28 -14.40
N TRP B 3 47.96 -42.97 -1.69
CA TRP B 3 47.95 -42.30 -0.41
C TRP B 3 49.37 -41.77 -0.18
N SER B 4 49.51 -40.47 0.05
CA SER B 4 50.82 -39.85 0.05
C SER B 4 50.92 -38.53 0.78
N GLY B 5 52.16 -38.09 0.97
CA GLY B 5 52.46 -36.74 1.41
C GLY B 5 52.91 -35.86 0.24
N ALA B 6 52.30 -36.09 -0.93
CA ALA B 6 52.51 -35.26 -2.11
C ALA B 6 52.09 -33.83 -1.77
N ARG B 7 52.54 -32.86 -2.55
CA ARG B 7 52.25 -31.45 -2.27
C ARG B 7 50.87 -30.96 -2.70
N ALA B 8 50.58 -29.72 -2.32
CA ALA B 8 49.27 -29.10 -2.52
C ALA B 8 48.77 -29.13 -3.97
N LEU B 9 49.39 -28.35 -4.84
CA LEU B 9 49.01 -28.34 -6.26
C LEU B 9 49.16 -29.73 -6.90
N GLU B 10 50.10 -30.52 -6.40
N GLU B 10 50.11 -30.52 -6.41
CA GLU B 10 50.32 -31.84 -6.96
CA GLU B 10 50.36 -31.86 -6.94
C GLU B 10 49.06 -32.69 -6.80
C GLU B 10 49.13 -32.77 -6.77
N ALA B 11 48.55 -32.74 -5.58
CA ALA B 11 47.36 -33.49 -5.30
C ALA B 11 46.17 -32.95 -6.11
N LEU B 12 46.00 -31.64 -6.07
CA LEU B 12 44.87 -31.00 -6.73
C LEU B 12 44.85 -31.32 -8.23
N LEU B 13 46.02 -31.29 -8.84
CA LEU B 13 46.13 -31.49 -10.27
C LEU B 13 45.87 -32.96 -10.63
N THR B 14 46.40 -33.86 -9.81
CA THR B 14 46.18 -35.29 -9.95
C THR B 14 44.69 -35.64 -9.97
N VAL B 15 43.95 -35.05 -9.04
CA VAL B 15 42.54 -35.38 -8.83
C VAL B 15 41.60 -34.79 -9.89
N ALA B 16 41.86 -33.56 -10.34
CA ALA B 16 41.07 -32.97 -11.41
C ALA B 16 41.33 -33.76 -12.68
N GLY B 17 42.48 -34.42 -12.71
CA GLY B 17 42.80 -35.41 -13.72
C GLY B 17 41.75 -36.52 -13.78
N GLU B 18 41.61 -37.26 -12.69
CA GLU B 18 40.64 -38.36 -12.62
C GLU B 18 39.20 -37.86 -12.71
N LEU B 19 39.00 -36.56 -12.48
CA LEU B 19 37.69 -35.95 -12.48
C LEU B 19 37.27 -35.57 -13.90
N ARG B 20 38.00 -36.04 -14.90
CA ARG B 20 37.72 -35.73 -16.31
C ARG B 20 36.38 -36.30 -16.74
N GLY B 21 36.21 -37.62 -16.54
CA GLY B 21 35.06 -38.38 -17.01
C GLY B 21 33.79 -38.12 -16.23
N PRO B 22 32.83 -39.06 -16.33
CA PRO B 22 31.55 -39.04 -15.61
C PRO B 22 31.70 -39.64 -14.21
N PRO B 23 30.67 -39.51 -13.35
CA PRO B 23 29.40 -38.80 -13.54
C PRO B 23 29.62 -37.31 -13.35
N LEU B 24 30.84 -36.95 -12.94
CA LEU B 24 31.19 -35.56 -12.66
C LEU B 24 32.28 -35.06 -13.60
N GLN B 25 31.87 -34.51 -14.74
CA GLN B 25 32.81 -33.86 -15.64
C GLN B 25 33.07 -32.42 -15.20
N LEU B 26 34.24 -32.20 -14.62
CA LEU B 26 34.58 -30.89 -14.06
C LEU B 26 35.35 -30.00 -15.02
N ASP B 27 34.77 -28.83 -15.30
CA ASP B 27 35.42 -27.82 -16.13
C ASP B 27 36.71 -27.36 -15.46
N THR B 28 37.52 -26.59 -16.18
CA THR B 28 38.64 -25.92 -15.53
C THR B 28 38.05 -24.72 -14.79
N GLY B 29 36.86 -24.31 -15.21
CA GLY B 29 36.13 -23.26 -14.54
C GLY B 29 35.70 -23.70 -13.15
N GLN B 30 34.91 -24.76 -13.10
CA GLN B 30 34.37 -25.27 -11.84
C GLN B 30 35.48 -25.72 -10.89
N LEU B 31 36.50 -26.36 -11.46
CA LEU B 31 37.66 -26.76 -10.69
C LEU B 31 38.25 -25.58 -9.91
N LEU B 32 38.46 -24.46 -10.59
CA LEU B 32 38.97 -23.25 -9.95
C LEU B 32 37.92 -22.64 -9.00
N LYS B 33 36.64 -22.77 -9.36
CA LYS B 33 35.58 -22.28 -8.49
C LYS B 33 35.59 -22.99 -7.13
N ILE B 34 35.78 -24.30 -7.14
CA ILE B 34 35.86 -25.08 -5.91
C ILE B 34 37.14 -24.82 -5.14
N ALA B 35 38.25 -24.71 -5.85
CA ALA B 35 39.53 -24.57 -5.18
C ALA B 35 39.67 -23.21 -4.55
N LYS B 36 38.98 -22.22 -5.13
CA LYS B 36 39.03 -20.86 -4.64
C LYS B 36 38.54 -20.77 -3.20
N ARG B 37 37.44 -21.45 -2.90
CA ARG B 37 36.87 -21.39 -1.58
C ARG B 37 37.08 -22.69 -0.78
N GLY B 38 36.59 -23.81 -1.32
CA GLY B 38 36.66 -25.08 -0.64
C GLY B 38 38.06 -25.65 -0.44
N GLY B 39 39.05 -25.14 -1.16
CA GLY B 39 40.41 -25.61 -1.01
C GLY B 39 40.61 -26.94 -1.71
N VAL B 40 41.83 -27.47 -1.66
CA VAL B 40 42.11 -28.78 -2.26
C VAL B 40 41.32 -29.85 -1.49
N THR B 41 41.11 -29.58 -0.20
CA THR B 41 40.32 -30.44 0.66
C THR B 41 38.97 -30.79 0.02
N ALA B 42 38.30 -29.77 -0.51
CA ALA B 42 36.98 -29.95 -1.13
C ALA B 42 37.06 -30.70 -2.43
N VAL B 43 38.14 -30.49 -3.16
CA VAL B 43 38.30 -31.09 -4.48
C VAL B 43 38.43 -32.59 -4.37
N GLU B 44 39.35 -33.02 -3.51
CA GLU B 44 39.53 -34.41 -3.12
C GLU B 44 38.21 -34.98 -2.60
N ALA B 45 37.54 -34.21 -1.76
CA ALA B 45 36.25 -34.58 -1.23
C ALA B 45 35.25 -34.86 -2.35
N VAL B 46 35.29 -34.05 -3.40
CA VAL B 46 34.36 -34.21 -4.51
C VAL B 46 34.68 -35.47 -5.31
N HIS B 47 35.97 -35.75 -5.46
CA HIS B 47 36.44 -36.96 -6.12
C HIS B 47 36.09 -38.20 -5.33
N ALA B 48 36.28 -38.14 -4.02
CA ALA B 48 36.03 -39.27 -3.15
C ALA B 48 34.55 -39.66 -3.04
N TRP B 49 33.65 -38.70 -3.24
CA TRP B 49 32.22 -39.00 -3.05
C TRP B 49 31.37 -38.79 -4.29
N ARG B 50 32.01 -38.73 -5.46
CA ARG B 50 31.26 -38.34 -6.67
C ARG B 50 30.26 -39.38 -7.17
N ASN B 51 30.43 -40.63 -6.77
CA ASN B 51 29.47 -41.65 -7.13
C ASN B 51 28.27 -41.68 -6.20
N ALA B 52 28.53 -41.54 -4.90
CA ALA B 52 27.47 -41.54 -3.90
C ALA B 52 26.53 -40.35 -4.07
N LEU B 53 27.12 -39.18 -4.36
CA LEU B 53 26.36 -37.94 -4.51
C LEU B 53 25.50 -37.98 -5.76
N THR B 54 26.02 -38.55 -6.84
CA THR B 54 25.33 -38.64 -8.13
C THR B 54 24.35 -39.82 -8.25
N GLY B 55 24.69 -40.95 -7.63
CA GLY B 55 23.83 -42.12 -7.67
C GLY B 55 22.70 -42.02 -6.66
N ALA B 56 21.71 -42.91 -6.78
CA ALA B 56 20.54 -42.92 -5.90
C ALA B 56 20.94 -43.21 -4.45
N PRO B 57 20.14 -42.78 -3.48
CA PRO B 57 18.86 -42.06 -3.61
C PRO B 57 19.05 -40.55 -3.76
N LEU B 58 20.29 -40.09 -3.54
CA LEU B 58 20.61 -38.67 -3.50
C LEU B 58 20.38 -37.97 -4.83
N ASN B 59 21.11 -38.43 -5.84
CA ASN B 59 20.92 -37.99 -7.23
C ASN B 59 21.08 -36.48 -7.42
N LEU B 60 22.25 -35.97 -7.10
CA LEU B 60 22.55 -34.57 -7.32
C LEU B 60 23.28 -34.37 -8.65
N THR B 61 22.96 -33.28 -9.35
CA THR B 61 23.65 -32.91 -10.59
C THR B 61 25.05 -32.44 -10.25
N PRO B 62 25.97 -32.49 -11.23
CA PRO B 62 27.30 -31.89 -11.03
C PRO B 62 27.20 -30.42 -10.64
N GLU B 63 26.17 -29.74 -11.14
CA GLU B 63 25.88 -28.34 -10.78
C GLU B 63 25.69 -28.14 -9.26
N GLN B 64 24.72 -28.86 -8.69
CA GLN B 64 24.45 -28.81 -7.26
C GLN B 64 25.68 -29.23 -6.43
N VAL B 65 26.40 -30.22 -6.92
CA VAL B 65 27.55 -30.74 -6.20
C VAL B 65 28.66 -29.68 -6.15
N VAL B 66 28.88 -29.02 -7.29
CA VAL B 66 29.83 -27.92 -7.37
C VAL B 66 29.38 -26.80 -6.43
N ALA B 67 28.09 -26.51 -6.43
CA ALA B 67 27.53 -25.50 -5.52
C ALA B 67 27.83 -25.80 -4.05
N ILE B 68 27.65 -27.05 -3.64
CA ILE B 68 27.94 -27.41 -2.26
C ILE B 68 29.44 -27.43 -1.99
N ALA B 69 30.23 -27.88 -2.95
CA ALA B 69 31.66 -28.03 -2.74
C ALA B 69 32.41 -26.70 -2.57
N SER B 70 31.89 -25.65 -3.19
CA SER B 70 32.66 -24.42 -3.38
C SER B 70 32.45 -23.38 -2.28
N HIS B 71 32.63 -23.79 -1.03
CA HIS B 71 32.61 -22.86 0.10
C HIS B 71 33.59 -23.35 1.16
N ASP B 72 33.96 -22.47 2.09
CA ASP B 72 34.74 -22.90 3.26
C ASP B 72 34.04 -24.09 3.95
N GLY B 73 34.84 -25.08 4.31
CA GLY B 73 34.32 -26.30 4.91
C GLY B 73 33.47 -27.11 3.95
N GLY B 74 33.62 -26.84 2.66
CA GLY B 74 32.90 -27.56 1.62
C GLY B 74 32.91 -29.08 1.79
N LYS B 75 34.08 -29.65 2.08
CA LYS B 75 34.19 -31.07 2.41
C LYS B 75 33.19 -31.51 3.49
N GLN B 76 33.12 -30.75 4.59
CA GLN B 76 32.21 -31.03 5.71
C GLN B 76 30.76 -30.94 5.26
N ALA B 77 30.46 -29.93 4.48
CA ALA B 77 29.13 -29.78 3.93
C ALA B 77 28.79 -30.93 2.99
N LEU B 78 29.79 -31.40 2.25
CA LEU B 78 29.56 -32.46 1.29
C LEU B 78 29.19 -33.74 2.00
N GLU B 79 29.96 -34.07 3.03
CA GLU B 79 29.73 -35.28 3.83
C GLU B 79 28.39 -35.23 4.56
N THR B 80 28.04 -34.04 5.05
CA THR B 80 26.81 -33.83 5.80
C THR B 80 25.54 -33.98 4.97
N VAL B 81 25.53 -33.51 3.72
CA VAL B 81 24.30 -33.63 2.92
C VAL B 81 23.96 -35.07 2.62
N GLN B 82 24.96 -35.91 2.49
CA GLN B 82 24.74 -37.31 2.15
C GLN B 82 23.97 -37.97 3.28
N ARG B 83 24.22 -37.48 4.48
CA ARG B 83 23.68 -38.05 5.70
C ARG B 83 22.33 -37.40 6.05
N LEU B 84 22.23 -36.09 5.88
CA LEU B 84 21.09 -35.33 6.39
C LEU B 84 20.03 -34.97 5.35
N LEU B 85 20.39 -34.96 4.08
CA LEU B 85 19.38 -34.64 3.05
C LEU B 85 18.21 -35.62 3.06
N PRO B 86 18.49 -36.94 3.16
CA PRO B 86 17.38 -37.90 3.35
C PRO B 86 16.49 -37.60 4.58
N VAL B 87 17.10 -37.37 5.75
CA VAL B 87 16.38 -36.96 6.95
C VAL B 87 15.46 -35.77 6.67
N LEU B 88 16.03 -34.67 6.22
CA LEU B 88 15.27 -33.45 6.04
C LEU B 88 14.21 -33.62 4.98
N CYS B 89 14.53 -34.34 3.92
CA CYS B 89 13.58 -34.58 2.84
C CYS B 89 12.47 -35.52 3.24
N GLN B 90 12.82 -36.63 3.88
CA GLN B 90 11.81 -37.66 4.13
C GLN B 90 11.37 -37.77 5.59
N ALA B 91 11.49 -36.66 6.31
CA ALA B 91 10.99 -36.59 7.68
C ALA B 91 10.44 -35.21 7.97
N HIS B 92 10.82 -34.23 7.16
CA HIS B 92 10.39 -32.86 7.38
C HIS B 92 9.87 -32.25 6.10
N GLY B 93 10.02 -33.01 5.01
CA GLY B 93 9.37 -32.71 3.75
C GLY B 93 10.00 -31.59 2.95
N LEU B 94 11.30 -31.41 3.13
CA LEU B 94 12.05 -30.41 2.37
C LEU B 94 12.35 -31.00 0.99
N THR B 95 12.36 -30.16 -0.04
CA THR B 95 12.73 -30.65 -1.36
C THR B 95 14.24 -30.77 -1.39
N PRO B 96 14.76 -31.56 -2.33
CA PRO B 96 16.23 -31.61 -2.44
C PRO B 96 16.82 -30.24 -2.73
N GLN B 97 16.12 -29.41 -3.49
CA GLN B 97 16.64 -28.07 -3.79
C GLN B 97 16.80 -27.19 -2.55
N GLN B 98 15.88 -27.32 -1.61
CA GLN B 98 15.98 -26.56 -0.37
C GLN B 98 17.18 -27.00 0.45
N VAL B 99 17.40 -28.30 0.51
CA VAL B 99 18.52 -28.78 1.29
C VAL B 99 19.84 -28.36 0.64
N VAL B 100 19.88 -28.37 -0.70
CA VAL B 100 21.11 -27.97 -1.41
C VAL B 100 21.43 -26.51 -1.14
N ALA B 101 20.39 -25.68 -1.13
CA ALA B 101 20.54 -24.26 -0.85
C ALA B 101 21.13 -24.01 0.53
N ILE B 102 20.69 -24.79 1.51
CA ILE B 102 21.20 -24.64 2.88
C ILE B 102 22.68 -25.03 2.97
N ALA B 103 23.04 -26.05 2.21
CA ALA B 103 24.37 -26.63 2.27
C ALA B 103 25.41 -25.82 1.49
N SER B 104 24.90 -24.91 0.65
CA SER B 104 25.74 -24.17 -0.29
C SER B 104 26.27 -22.85 0.29
N HIS B 105 26.84 -22.92 1.49
CA HIS B 105 27.33 -21.76 2.22
C HIS B 105 28.45 -22.15 3.19
N ASP B 106 29.41 -21.23 3.39
CA ASP B 106 30.43 -21.40 4.43
C ASP B 106 29.81 -21.99 5.70
N GLY B 107 30.40 -23.08 6.21
CA GLY B 107 29.84 -23.77 7.37
C GLY B 107 28.48 -24.42 7.16
N GLY B 108 28.20 -24.84 5.93
CA GLY B 108 26.91 -25.44 5.58
C GLY B 108 26.55 -26.69 6.38
N LYS B 109 27.56 -27.45 6.78
CA LYS B 109 27.36 -28.56 7.70
C LYS B 109 26.67 -28.11 8.97
N GLN B 110 27.03 -26.90 9.43
CA GLN B 110 26.52 -26.39 10.69
C GLN B 110 25.09 -26.02 10.53
N ALA B 111 24.76 -25.43 9.39
CA ALA B 111 23.39 -25.02 9.13
C ALA B 111 22.48 -26.24 9.00
N LEU B 112 22.95 -27.27 8.31
CA LEU B 112 22.14 -28.47 8.09
C LEU B 112 21.77 -29.13 9.42
N GLU B 113 22.78 -29.43 10.24
CA GLU B 113 22.55 -30.02 11.55
C GLU B 113 21.65 -29.19 12.45
N THR B 114 21.75 -27.86 12.33
CA THR B 114 20.94 -26.98 13.16
C THR B 114 19.49 -26.92 12.70
N VAL B 115 19.28 -27.05 11.40
CA VAL B 115 17.94 -27.15 10.85
C VAL B 115 17.31 -28.45 11.34
N GLN B 116 18.04 -29.56 11.22
CA GLN B 116 17.59 -30.84 11.78
C GLN B 116 17.14 -30.69 13.24
N ARG B 117 17.92 -29.95 14.02
CA ARG B 117 17.69 -29.87 15.45
C ARG B 117 16.64 -28.83 15.81
N LEU B 118 16.58 -27.74 15.05
CA LEU B 118 15.71 -26.62 15.39
C LEU B 118 14.38 -26.51 14.64
N LEU B 119 14.30 -27.16 13.49
CA LEU B 119 13.04 -27.23 12.71
C LEU B 119 11.86 -27.79 13.51
N PRO B 120 12.07 -28.85 14.32
CA PRO B 120 10.95 -29.27 15.18
C PRO B 120 10.49 -28.19 16.15
N VAL B 121 11.40 -27.43 16.74
CA VAL B 121 11.01 -26.41 17.72
C VAL B 121 10.45 -25.11 17.09
N LEU B 122 11.00 -24.72 15.95
CA LEU B 122 10.58 -23.49 15.26
C LEU B 122 9.26 -23.67 14.51
N CYS B 123 9.04 -24.87 13.98
CA CYS B 123 7.87 -25.12 13.13
C CYS B 123 6.74 -25.82 13.86
N GLN B 124 6.70 -25.61 15.17
CA GLN B 124 5.53 -25.95 15.96
C GLN B 124 4.41 -25.01 15.58
N ALA B 125 3.22 -25.29 16.09
CA ALA B 125 2.03 -24.47 15.85
C ALA B 125 2.25 -23.00 16.25
N HIS B 126 1.83 -22.09 15.38
CA HIS B 126 2.06 -20.65 15.56
C HIS B 126 3.57 -20.31 15.57
N GLY B 127 4.35 -21.15 14.91
CA GLY B 127 5.76 -20.89 14.75
C GLY B 127 6.01 -20.40 13.34
N LEU B 128 7.22 -20.60 12.87
CA LEU B 128 7.56 -20.20 11.54
C LEU B 128 7.14 -21.31 10.58
N THR B 129 6.96 -20.95 9.31
CA THR B 129 6.85 -21.94 8.25
C THR B 129 8.22 -22.55 7.94
N PRO B 130 8.22 -23.78 7.39
CA PRO B 130 9.49 -24.38 6.97
C PRO B 130 10.22 -23.54 5.92
N GLU B 131 9.50 -22.78 5.10
CA GLU B 131 10.15 -21.90 4.11
C GLU B 131 10.89 -20.77 4.80
N GLN B 132 10.35 -20.31 5.91
CA GLN B 132 11.03 -19.30 6.71
C GLN B 132 12.33 -19.84 7.33
N VAL B 133 12.27 -21.04 7.86
CA VAL B 133 13.43 -21.68 8.44
C VAL B 133 14.54 -21.88 7.39
N VAL B 134 14.16 -22.28 6.18
CA VAL B 134 15.12 -22.54 5.11
C VAL B 134 15.82 -21.25 4.72
N ALA B 135 15.07 -20.16 4.70
CA ALA B 135 15.61 -18.85 4.34
C ALA B 135 16.62 -18.38 5.35
N ILE B 136 16.36 -18.60 6.64
CA ILE B 136 17.29 -18.19 7.68
C ILE B 136 18.56 -19.04 7.64
N ALA B 137 18.40 -20.31 7.30
CA ALA B 137 19.54 -21.23 7.23
C ALA B 137 20.44 -21.03 6.00
N SER B 138 19.91 -20.36 4.97
CA SER B 138 20.54 -20.30 3.65
C SER B 138 21.58 -19.17 3.53
N HIS B 139 22.40 -19.02 4.57
CA HIS B 139 23.39 -17.95 4.63
C HIS B 139 24.52 -18.44 5.49
N ASP B 140 25.74 -17.96 5.21
CA ASP B 140 26.89 -18.20 6.08
C ASP B 140 26.48 -17.86 7.49
N GLY B 141 26.78 -18.74 8.44
CA GLY B 141 26.43 -18.49 9.83
C GLY B 141 24.99 -18.91 10.15
N GLY B 142 24.30 -19.51 9.19
CA GLY B 142 22.91 -19.94 9.34
C GLY B 142 22.58 -20.65 10.65
N LYS B 143 23.54 -21.41 11.15
CA LYS B 143 23.46 -22.02 12.47
C LYS B 143 23.24 -20.96 13.53
N GLN B 144 24.10 -19.94 13.50
CA GLN B 144 24.02 -18.83 14.43
C GLN B 144 22.71 -18.08 14.32
N ALA B 145 22.25 -17.82 13.09
CA ALA B 145 20.98 -17.08 12.94
C ALA B 145 19.78 -17.87 13.48
N LEU B 146 19.66 -19.14 13.10
CA LEU B 146 18.60 -20.02 13.60
C LEU B 146 18.51 -20.04 15.11
N GLU B 147 19.65 -20.29 15.77
CA GLU B 147 19.68 -20.26 17.22
C GLU B 147 19.32 -18.90 17.83
N THR B 148 19.59 -17.82 17.12
CA THR B 148 19.35 -16.50 17.66
C THR B 148 17.89 -16.13 17.49
N VAL B 149 17.30 -16.53 16.37
CA VAL B 149 15.87 -16.35 16.15
C VAL B 149 15.10 -17.14 17.21
N GLN B 150 15.56 -18.35 17.48
CA GLN B 150 14.95 -19.19 18.52
C GLN B 150 14.92 -18.44 19.85
N ALA B 151 16.02 -17.77 20.18
CA ALA B 151 16.12 -17.13 21.48
C ALA B 151 15.44 -15.77 21.55
N LEU B 152 15.41 -15.05 20.43
CA LEU B 152 15.02 -13.62 20.43
C LEU B 152 13.74 -13.28 19.70
N LEU B 153 13.19 -14.22 18.94
CA LEU B 153 11.85 -14.04 18.38
C LEU B 153 10.86 -13.59 19.45
N PRO B 154 10.74 -14.34 20.57
CA PRO B 154 9.75 -13.89 21.57
C PRO B 154 10.02 -12.47 22.09
N VAL B 155 11.25 -12.13 22.43
CA VAL B 155 11.51 -10.78 22.92
C VAL B 155 11.34 -9.67 21.85
N LEU B 156 11.67 -9.99 20.61
CA LEU B 156 11.58 -8.97 19.56
C LEU B 156 10.13 -8.71 19.20
N CYS B 157 9.31 -9.74 19.28
CA CYS B 157 7.89 -9.55 19.01
C CYS B 157 7.12 -8.93 20.19
N GLN B 158 7.26 -9.52 21.36
CA GLN B 158 6.48 -9.07 22.51
C GLN B 158 6.96 -7.74 23.05
N ALA B 159 8.26 -7.61 23.25
CA ALA B 159 8.80 -6.42 23.88
C ALA B 159 8.97 -5.25 22.93
N HIS B 160 9.27 -5.52 21.67
CA HIS B 160 9.59 -4.43 20.76
C HIS B 160 8.53 -4.26 19.68
N GLY B 161 7.70 -5.27 19.48
CA GLY B 161 6.55 -5.15 18.59
C GLY B 161 6.83 -5.43 17.13
N LEU B 162 7.92 -6.15 16.85
CA LEU B 162 8.22 -6.55 15.50
C LEU B 162 7.35 -7.72 15.14
N THR B 163 7.05 -7.88 13.86
CA THR B 163 6.32 -9.08 13.47
C THR B 163 7.34 -10.17 13.23
N PRO B 164 6.90 -11.44 13.34
CA PRO B 164 7.77 -12.58 13.01
C PRO B 164 8.41 -12.44 11.62
N GLU B 165 7.68 -11.84 10.68
CA GLU B 165 8.13 -11.60 9.30
C GLU B 165 9.28 -10.61 9.27
N GLN B 166 9.18 -9.57 10.10
CA GLN B 166 10.28 -8.63 10.23
C GLN B 166 11.51 -9.31 10.86
N VAL B 167 11.28 -10.19 11.82
CA VAL B 167 12.36 -10.90 12.47
C VAL B 167 13.04 -11.87 11.46
N VAL B 168 12.23 -12.63 10.72
CA VAL B 168 12.76 -13.47 9.65
C VAL B 168 13.61 -12.70 8.65
N ALA B 169 13.14 -11.52 8.25
CA ALA B 169 13.85 -10.69 7.28
C ALA B 169 15.20 -10.20 7.78
N ILE B 170 15.27 -9.82 9.04
CA ILE B 170 16.52 -9.38 9.62
C ILE B 170 17.51 -10.58 9.69
N ALA B 171 16.99 -11.73 10.13
CA ALA B 171 17.77 -12.94 10.27
C ALA B 171 18.20 -13.58 8.92
N SER B 172 17.52 -13.22 7.83
CA SER B 172 17.79 -13.87 6.53
C SER B 172 18.95 -13.22 5.78
N ASN B 173 20.05 -13.02 6.50
CA ASN B 173 21.27 -12.43 5.97
C ASN B 173 22.47 -13.03 6.62
N GLY B 174 23.60 -13.02 5.91
CA GLY B 174 24.86 -13.31 6.55
C GLY B 174 25.10 -12.39 7.73
N GLY B 175 25.51 -12.97 8.86
CA GLY B 175 25.73 -12.20 10.09
C GLY B 175 24.44 -11.91 10.82
N GLY B 176 23.36 -12.58 10.41
CA GLY B 176 22.03 -12.33 10.91
C GLY B 176 21.92 -12.39 12.43
N LYS B 177 22.70 -13.27 13.06
CA LYS B 177 22.78 -13.29 14.51
C LYS B 177 23.21 -11.93 15.04
N GLN B 178 24.20 -11.33 14.38
CA GLN B 178 24.67 -10.00 14.79
C GLN B 178 23.58 -8.94 14.60
N ALA B 179 22.91 -8.98 13.46
CA ALA B 179 21.83 -8.05 13.18
C ALA B 179 20.69 -8.14 14.21
N LEU B 180 20.27 -9.37 14.51
CA LEU B 180 19.20 -9.56 15.48
C LEU B 180 19.56 -8.98 16.82
N GLU B 181 20.78 -9.16 17.27
CA GLU B 181 21.14 -8.72 18.60
C GLU B 181 21.33 -7.22 18.64
N THR B 182 21.72 -6.65 17.52
CA THR B 182 21.93 -5.21 17.51
C THR B 182 20.59 -4.46 17.47
N VAL B 183 19.62 -4.99 16.72
CA VAL B 183 18.25 -4.45 16.72
C VAL B 183 17.66 -4.50 18.12
N GLN B 184 17.85 -5.62 18.79
CA GLN B 184 17.34 -5.80 20.15
C GLN B 184 17.87 -4.74 21.10
N ARG B 185 19.14 -4.42 20.95
CA ARG B 185 19.83 -3.50 21.82
C ARG B 185 19.57 -2.05 21.42
N LEU B 186 19.57 -1.77 20.12
CA LEU B 186 19.51 -0.37 19.64
C LEU B 186 18.12 0.19 19.28
N LEU B 187 17.08 -0.65 19.27
CA LEU B 187 15.75 -0.13 18.98
C LEU B 187 15.27 0.96 19.95
N PRO B 188 15.46 0.76 21.27
CA PRO B 188 14.96 1.81 22.16
C PRO B 188 15.79 3.09 22.11
N VAL B 189 16.95 3.04 21.47
CA VAL B 189 17.86 4.19 21.36
C VAL B 189 17.65 4.95 20.04
N LEU B 190 17.55 4.20 18.94
CA LEU B 190 17.32 4.79 17.63
C LEU B 190 15.94 5.44 17.47
N CYS B 191 14.92 4.82 18.04
N CYS B 191 14.93 4.83 18.05
CA CYS B 191 13.54 5.29 17.85
CA CYS B 191 13.55 5.28 17.83
C CYS B 191 13.07 6.17 19.01
C CYS B 191 13.18 6.53 18.61
N GLN B 192 13.62 7.38 19.05
N GLN B 192 13.93 6.85 19.66
CA GLN B 192 13.18 8.44 19.95
CA GLN B 192 13.57 7.98 20.51
C GLN B 192 12.82 9.60 19.04
C GLN B 192 14.73 8.86 21.00
N ALA B 193 12.29 10.69 19.58
N ALA B 193 15.84 8.88 20.26
CA ALA B 193 12.11 11.91 18.79
CA ALA B 193 16.94 9.78 20.58
C ALA B 193 13.49 12.38 18.31
C ALA B 193 17.64 10.17 19.30
N HIS B 194 13.55 12.93 17.09
N HIS B 194 17.62 9.25 18.35
CA HIS B 194 14.79 13.32 16.41
CA HIS B 194 18.21 9.47 17.04
C HIS B 194 15.56 12.16 15.76
C HIS B 194 17.12 9.62 15.97
N GLY B 195 15.07 10.93 15.94
N GLY B 195 15.87 9.58 16.39
CA GLY B 195 15.76 9.73 15.47
CA GLY B 195 14.76 9.94 15.53
C GLY B 195 15.07 9.02 14.32
C GLY B 195 14.54 9.05 14.30
N LEU B 196 14.93 7.69 14.45
N LEU B 196 14.74 7.76 14.46
CA LEU B 196 14.39 6.86 13.36
CA LEU B 196 14.42 6.80 13.40
C LEU B 196 13.09 6.16 13.72
C LEU B 196 13.10 6.10 13.73
N THR B 197 12.38 5.67 12.70
CA THR B 197 11.18 4.88 12.92
C THR B 197 11.57 3.40 13.03
N PRO B 198 10.79 2.61 13.77
CA PRO B 198 11.02 1.17 13.82
C PRO B 198 11.12 0.51 12.42
N GLN B 199 10.42 1.05 11.43
CA GLN B 199 10.38 0.50 10.08
C GLN B 199 11.72 0.70 9.42
N GLN B 200 12.30 1.87 9.68
CA GLN B 200 13.58 2.28 9.11
C GLN B 200 14.74 1.49 9.73
N VAL B 201 14.64 1.21 11.02
CA VAL B 201 15.65 0.38 11.67
C VAL B 201 15.60 -1.05 11.14
N VAL B 202 14.39 -1.58 10.96
CA VAL B 202 14.26 -2.93 10.42
C VAL B 202 14.84 -3.00 9.01
N ALA B 203 14.54 -2.00 8.19
CA ALA B 203 15.11 -1.90 6.87
C ALA B 203 16.65 -1.95 6.88
N ILE B 204 17.26 -1.30 7.85
CA ILE B 204 18.71 -1.19 7.91
C ILE B 204 19.35 -2.54 8.27
N ALA B 205 18.76 -3.20 9.27
CA ALA B 205 19.24 -4.48 9.76
C ALA B 205 19.01 -5.64 8.78
N SER B 206 18.28 -5.37 7.70
CA SER B 206 17.79 -6.45 6.84
C SER B 206 18.63 -6.63 5.60
N ASN B 207 19.81 -6.03 5.60
CA ASN B 207 20.68 -6.08 4.43
C ASN B 207 22.16 -6.36 4.73
N GLY B 208 22.48 -7.48 5.38
CA GLY B 208 23.83 -8.00 5.24
C GLY B 208 24.85 -7.71 6.32
N GLY B 209 25.51 -6.56 6.25
CA GLY B 209 26.34 -6.15 7.38
C GLY B 209 25.51 -5.30 8.34
N GLY B 210 24.32 -5.79 8.67
CA GLY B 210 23.32 -5.02 9.38
C GLY B 210 23.78 -4.45 10.72
N LYS B 211 24.38 -5.30 11.55
CA LYS B 211 24.96 -4.84 12.80
C LYS B 211 25.84 -3.63 12.57
N GLN B 212 26.78 -3.72 11.63
CA GLN B 212 27.69 -2.59 11.34
C GLN B 212 26.97 -1.33 10.87
N ALA B 213 25.96 -1.49 10.02
CA ALA B 213 25.14 -0.35 9.57
C ALA B 213 24.33 0.32 10.70
N LEU B 214 23.72 -0.47 11.57
CA LEU B 214 22.93 0.10 12.66
C LEU B 214 23.85 0.85 13.61
N GLU B 215 25.01 0.29 13.89
CA GLU B 215 25.92 0.92 14.84
C GLU B 215 26.52 2.20 14.30
N THR B 216 26.69 2.26 12.98
CA THR B 216 27.23 3.43 12.33
C THR B 216 26.17 4.52 12.18
N VAL B 217 24.91 4.11 12.02
CA VAL B 217 23.83 5.09 12.01
C VAL B 217 23.71 5.71 13.40
N GLN B 218 23.66 4.89 14.45
CA GLN B 218 23.70 5.38 15.84
C GLN B 218 24.74 6.48 16.03
N ARG B 219 25.93 6.23 15.50
CA ARG B 219 27.07 7.09 15.72
C ARG B 219 27.09 8.31 14.82
N LEU B 220 26.80 8.11 13.53
CA LEU B 220 26.94 9.17 12.52
C LEU B 220 25.66 9.97 12.20
N LEU B 221 24.51 9.46 12.60
CA LEU B 221 23.27 10.13 12.25
C LEU B 221 23.16 11.56 12.78
N PRO B 222 23.69 11.84 13.99
CA PRO B 222 23.54 13.26 14.35
C PRO B 222 24.42 14.22 13.53
N VAL B 223 25.66 13.83 13.24
CA VAL B 223 26.56 14.72 12.48
C VAL B 223 26.09 14.87 11.03
N LEU B 224 25.72 13.76 10.41
CA LEU B 224 25.28 13.74 9.02
C LEU B 224 23.97 14.50 8.77
N CYS B 225 23.07 14.44 9.72
CA CYS B 225 21.82 15.15 9.55
C CYS B 225 22.00 16.63 9.84
N GLN B 226 22.76 16.93 10.89
CA GLN B 226 22.95 18.31 11.31
C GLN B 226 24.08 18.99 10.51
N ALA B 227 25.33 18.82 10.96
CA ALA B 227 26.47 19.43 10.28
C ALA B 227 26.57 19.16 8.77
N HIS B 228 26.02 18.03 8.31
CA HIS B 228 26.14 17.67 6.88
C HIS B 228 24.83 17.86 6.12
N GLY B 229 23.77 18.11 6.88
CA GLY B 229 22.49 18.51 6.30
C GLY B 229 21.67 17.47 5.55
N LEU B 230 22.06 16.19 5.66
CA LEU B 230 21.26 15.13 5.07
C LEU B 230 19.96 14.94 5.81
N THR B 231 18.94 14.43 5.14
CA THR B 231 17.73 14.02 5.84
C THR B 231 17.95 12.63 6.48
N PRO B 232 17.17 12.32 7.53
CA PRO B 232 17.22 10.97 8.08
C PRO B 232 16.92 9.95 6.97
N GLN B 233 15.93 10.27 6.14
CA GLN B 233 15.61 9.47 4.98
C GLN B 233 16.84 9.17 4.11
N GLN B 234 17.68 10.17 3.88
CA GLN B 234 18.87 9.98 3.05
C GLN B 234 19.92 9.11 3.72
N VAL B 235 20.10 9.33 5.02
CA VAL B 235 21.05 8.57 5.81
C VAL B 235 20.61 7.11 5.82
N VAL B 236 19.33 6.88 6.02
CA VAL B 236 18.76 5.54 6.01
C VAL B 236 18.93 4.85 4.65
N ALA B 237 18.77 5.60 3.57
CA ALA B 237 18.89 5.02 2.23
C ALA B 237 20.31 4.54 1.97
N ILE B 238 21.30 5.31 2.43
CA ILE B 238 22.70 4.90 2.30
C ILE B 238 22.95 3.66 3.16
N ALA B 239 22.40 3.68 4.36
CA ALA B 239 22.50 2.60 5.31
C ALA B 239 21.83 1.29 4.87
N SER B 240 20.82 1.39 4.01
CA SER B 240 20.02 0.21 3.65
C SER B 240 20.46 -0.59 2.41
N ASN B 241 21.77 -0.62 2.15
CA ASN B 241 22.39 -1.71 1.37
C ASN B 241 23.37 -2.40 2.29
N GLY B 242 23.93 -3.52 1.86
CA GLY B 242 25.17 -4.00 2.43
C GLY B 242 26.26 -2.97 2.13
N GLY B 243 27.28 -2.88 2.99
CA GLY B 243 28.18 -1.74 2.99
C GLY B 243 27.38 -0.44 3.23
N GLY B 244 26.56 -0.50 4.28
CA GLY B 244 25.98 0.69 4.84
C GLY B 244 27.13 1.39 5.54
N LYS B 245 27.69 0.75 6.56
CA LYS B 245 28.79 1.33 7.32
C LYS B 245 29.91 1.92 6.46
N GLN B 246 30.38 1.18 5.47
CA GLN B 246 31.45 1.71 4.65
C GLN B 246 31.00 2.97 3.91
N ALA B 247 29.79 2.95 3.37
CA ALA B 247 29.32 4.06 2.56
C ALA B 247 29.10 5.31 3.41
N LEU B 248 28.45 5.13 4.55
CA LEU B 248 28.23 6.19 5.55
C LEU B 248 29.52 6.92 5.95
N GLU B 249 30.54 6.16 6.33
CA GLU B 249 31.81 6.75 6.73
C GLU B 249 32.50 7.49 5.59
N THR B 250 32.42 6.91 4.40
CA THR B 250 32.96 7.53 3.20
C THR B 250 32.19 8.79 2.82
N VAL B 251 30.89 8.80 3.06
CA VAL B 251 30.12 10.00 2.81
C VAL B 251 30.57 11.10 3.76
N GLN B 252 30.70 10.75 5.04
CA GLN B 252 31.13 11.72 6.03
C GLN B 252 32.47 12.34 5.68
N ARG B 253 33.43 11.50 5.28
CA ARG B 253 34.73 12.00 4.83
C ARG B 253 34.62 12.81 3.55
N LEU B 254 33.84 12.33 2.57
CA LEU B 254 33.89 12.90 1.21
C LEU B 254 32.88 14.01 0.83
N LEU B 255 31.83 14.19 1.61
CA LEU B 255 30.93 15.33 1.39
C LEU B 255 31.67 16.67 1.35
N PRO B 256 32.60 16.92 2.30
CA PRO B 256 33.31 18.19 2.18
C PRO B 256 34.26 18.25 0.98
N VAL B 257 34.66 17.09 0.47
CA VAL B 257 35.54 17.06 -0.68
C VAL B 257 34.73 17.25 -1.97
N LEU B 258 33.65 16.48 -2.11
CA LEU B 258 32.92 16.42 -3.38
C LEU B 258 31.86 17.52 -3.60
N CYS B 259 31.34 18.10 -2.52
CA CYS B 259 30.24 19.06 -2.63
C CYS B 259 30.62 20.54 -2.55
N GLN B 260 31.72 20.92 -3.21
CA GLN B 260 32.12 22.32 -3.25
C GLN B 260 31.39 23.15 -4.32
N ALA B 261 31.76 24.43 -4.44
CA ALA B 261 31.17 25.31 -5.45
C ALA B 261 31.17 24.65 -6.84
N HIS B 262 29.96 24.52 -7.40
CA HIS B 262 29.74 23.86 -8.71
C HIS B 262 30.13 22.37 -8.80
N GLY B 263 30.71 21.79 -7.74
CA GLY B 263 31.01 20.36 -7.70
C GLY B 263 29.77 19.48 -7.67
N LEU B 264 29.83 18.33 -7.01
CA LEU B 264 28.66 17.48 -6.90
C LEU B 264 27.72 18.06 -5.86
N THR B 265 26.41 17.85 -6.02
CA THR B 265 25.48 18.25 -4.98
C THR B 265 25.35 17.10 -3.98
N PRO B 266 24.99 17.43 -2.73
CA PRO B 266 24.75 16.39 -1.74
C PRO B 266 23.82 15.28 -2.24
N GLN B 267 22.79 15.65 -3.01
N GLN B 267 22.81 15.67 -3.03
CA GLN B 267 21.85 14.67 -3.56
CA GLN B 267 21.86 14.72 -3.61
C GLN B 267 22.51 13.69 -4.53
C GLN B 267 22.55 13.69 -4.49
N GLN B 268 23.55 14.14 -5.25
CA GLN B 268 24.30 13.28 -6.14
C GLN B 268 25.21 12.32 -5.39
N VAL B 269 25.92 12.85 -4.41
CA VAL B 269 26.75 12.07 -3.52
C VAL B 269 25.94 10.94 -2.89
N VAL B 270 24.81 11.28 -2.27
CA VAL B 270 23.90 10.30 -1.70
C VAL B 270 23.47 9.26 -2.72
N ALA B 271 23.26 9.67 -3.97
CA ALA B 271 22.87 8.72 -5.02
C ALA B 271 23.96 7.68 -5.26
N ILE B 272 25.20 8.15 -5.36
CA ILE B 272 26.35 7.28 -5.57
C ILE B 272 26.58 6.30 -4.39
N ALA B 273 26.45 6.82 -3.17
CA ALA B 273 26.70 6.07 -1.95
C ALA B 273 25.58 5.09 -1.59
N SER B 274 24.39 5.31 -2.15
CA SER B 274 23.22 4.49 -1.83
C SER B 274 23.15 3.17 -2.62
N ASN B 275 24.29 2.57 -2.90
CA ASN B 275 24.31 1.32 -3.63
C ASN B 275 25.23 0.29 -3.00
N TRP B 276 25.19 -0.93 -3.52
CA TRP B 276 26.10 -1.96 -3.07
C TRP B 276 27.48 -1.60 -3.52
N GLY B 277 28.38 -1.36 -2.57
CA GLY B 277 29.74 -0.96 -2.94
C GLY B 277 29.91 0.55 -3.09
N GLY B 278 29.02 1.29 -2.45
CA GLY B 278 28.99 2.73 -2.56
C GLY B 278 30.28 3.40 -2.15
N LYS B 279 30.91 2.94 -1.08
CA LYS B 279 32.19 3.50 -0.72
C LYS B 279 33.17 3.39 -1.89
N GLN B 280 33.16 2.24 -2.57
CA GLN B 280 34.04 2.02 -3.71
C GLN B 280 33.71 2.98 -4.83
N ALA B 281 32.41 3.14 -5.06
CA ALA B 281 31.90 4.03 -6.09
C ALA B 281 32.30 5.50 -5.83
N LEU B 282 32.16 5.96 -4.60
CA LEU B 282 32.50 7.34 -4.26
C LEU B 282 34.00 7.63 -4.42
N GLU B 283 34.84 6.72 -3.94
CA GLU B 283 36.28 6.95 -4.03
C GLU B 283 36.73 6.93 -5.48
N THR B 284 36.14 6.06 -6.29
CA THR B 284 36.48 6.01 -7.71
C THR B 284 36.00 7.26 -8.46
N VAL B 285 34.90 7.86 -8.03
CA VAL B 285 34.46 9.12 -8.62
C VAL B 285 35.43 10.24 -8.28
N GLN B 286 35.81 10.32 -7.01
CA GLN B 286 36.83 11.27 -6.56
C GLN B 286 38.11 11.12 -7.39
N ARG B 287 38.47 9.86 -7.67
CA ARG B 287 39.67 9.53 -8.41
C ARG B 287 39.57 9.74 -9.91
N LEU B 288 38.43 9.36 -10.52
CA LEU B 288 38.36 9.27 -11.98
C LEU B 288 37.51 10.30 -12.69
N LEU B 289 36.79 11.14 -11.95
CA LEU B 289 35.96 12.13 -12.62
C LEU B 289 36.76 13.09 -13.52
N PRO B 290 37.86 13.69 -13.00
CA PRO B 290 38.61 14.57 -13.88
C PRO B 290 39.13 13.87 -15.14
N VAL B 291 39.71 12.68 -15.00
CA VAL B 291 40.27 11.98 -16.16
C VAL B 291 39.23 11.48 -17.17
N LEU B 292 38.05 11.13 -16.69
CA LEU B 292 36.99 10.72 -17.60
C LEU B 292 36.45 11.90 -18.40
N CYS B 293 36.43 13.07 -17.77
CA CYS B 293 35.94 14.25 -18.46
C CYS B 293 36.96 14.76 -19.47
N GLN B 294 38.18 15.05 -19.02
CA GLN B 294 39.27 15.47 -19.91
C GLN B 294 39.54 14.47 -21.04
N ALA B 295 39.86 13.25 -20.67
CA ALA B 295 40.31 12.26 -21.65
C ALA B 295 39.23 11.83 -22.64
N HIS B 296 38.03 11.53 -22.14
CA HIS B 296 36.99 10.90 -22.95
C HIS B 296 35.84 11.80 -23.43
N GLY B 297 35.74 13.00 -22.87
CA GLY B 297 34.71 13.94 -23.29
C GLY B 297 33.41 13.84 -22.51
N LEU B 298 33.36 12.89 -21.59
CA LEU B 298 32.20 12.75 -20.71
C LEU B 298 32.03 13.99 -19.86
N THR B 299 30.80 14.16 -19.39
CA THR B 299 30.43 15.24 -18.48
C THR B 299 30.39 14.70 -17.06
N PRO B 300 30.49 15.57 -16.03
CA PRO B 300 30.36 15.07 -14.66
C PRO B 300 29.00 14.40 -14.41
N GLN B 301 27.94 14.86 -15.09
CA GLN B 301 26.64 14.18 -15.00
C GLN B 301 26.69 12.73 -15.48
N GLN B 302 27.32 12.50 -16.61
CA GLN B 302 27.43 11.15 -17.14
C GLN B 302 28.23 10.26 -16.19
N VAL B 303 29.24 10.82 -15.55
CA VAL B 303 30.05 10.08 -14.60
C VAL B 303 29.19 9.66 -13.41
N VAL B 304 28.43 10.60 -12.87
CA VAL B 304 27.53 10.33 -11.75
C VAL B 304 26.47 9.28 -12.12
N ALA B 305 26.07 9.27 -13.39
CA ALA B 305 25.09 8.30 -13.88
C ALA B 305 25.66 6.91 -13.83
N ILE B 306 26.89 6.78 -14.28
CA ILE B 306 27.57 5.50 -14.30
C ILE B 306 27.83 5.03 -12.87
N ALA B 307 28.31 5.94 -12.04
CA ALA B 307 28.62 5.63 -10.64
C ALA B 307 27.41 5.33 -9.75
N SER B 308 26.22 5.73 -10.20
CA SER B 308 25.01 5.59 -9.38
C SER B 308 24.29 4.25 -9.53
N ASN B 309 25.09 3.19 -9.68
CA ASN B 309 24.58 1.83 -9.73
C ASN B 309 25.44 0.94 -8.87
N GLY B 310 24.89 -0.20 -8.48
CA GLY B 310 25.66 -1.22 -7.80
C GLY B 310 26.90 -1.57 -8.62
N GLY B 311 28.00 -1.78 -7.91
CA GLY B 311 29.27 -2.06 -8.55
C GLY B 311 29.70 -0.97 -9.51
N GLY B 312 29.34 0.27 -9.19
CA GLY B 312 29.68 1.41 -10.02
C GLY B 312 31.17 1.66 -10.20
N LYS B 313 31.98 1.27 -9.22
CA LYS B 313 33.43 1.33 -9.41
C LYS B 313 33.84 0.51 -10.64
N GLN B 314 33.28 -0.68 -10.76
CA GLN B 314 33.60 -1.56 -11.87
C GLN B 314 33.21 -0.91 -13.18
N ALA B 315 32.01 -0.35 -13.23
CA ALA B 315 31.51 0.30 -14.44
C ALA B 315 32.40 1.48 -14.87
N LEU B 316 32.80 2.31 -13.90
CA LEU B 316 33.70 3.45 -14.14
C LEU B 316 35.07 3.04 -14.74
N GLU B 317 35.71 2.03 -14.15
CA GLU B 317 37.01 1.59 -14.64
C GLU B 317 36.93 0.91 -16.00
N THR B 318 35.80 0.26 -16.26
CA THR B 318 35.60 -0.43 -17.53
C THR B 318 35.32 0.61 -18.61
N VAL B 319 34.60 1.68 -18.24
CA VAL B 319 34.41 2.79 -19.18
C VAL B 319 35.75 3.47 -19.49
N GLN B 320 36.55 3.70 -18.43
CA GLN B 320 37.86 4.32 -18.57
C GLN B 320 38.68 3.60 -19.60
N ARG B 321 38.64 2.28 -19.55
CA ARG B 321 39.50 1.49 -20.42
C ARG B 321 38.83 1.07 -21.75
N LEU B 322 37.53 0.83 -21.74
CA LEU B 322 36.91 0.25 -22.93
C LEU B 322 36.30 1.27 -23.86
N LEU B 323 36.06 2.48 -23.36
CA LEU B 323 35.37 3.48 -24.17
C LEU B 323 36.07 3.75 -25.50
N PRO B 324 37.39 4.00 -25.49
CA PRO B 324 38.00 4.31 -26.78
C PRO B 324 37.96 3.14 -27.76
N VAL B 325 38.21 1.92 -27.29
CA VAL B 325 38.11 0.73 -28.13
C VAL B 325 36.72 0.56 -28.75
N LEU B 326 35.70 0.96 -28.02
CA LEU B 326 34.31 0.77 -28.45
C LEU B 326 33.86 1.83 -29.46
N CYS B 327 34.41 3.03 -29.36
CA CYS B 327 34.04 4.11 -30.25
C CYS B 327 34.83 3.99 -31.52
N GLN B 328 36.15 3.87 -31.35
CA GLN B 328 37.11 3.81 -32.44
C GLN B 328 36.88 2.57 -33.30
N ALA B 329 36.91 1.41 -32.66
CA ALA B 329 36.93 0.15 -33.40
C ALA B 329 35.54 -0.41 -33.73
N HIS B 330 34.59 -0.26 -32.81
CA HIS B 330 33.25 -0.81 -33.02
C HIS B 330 32.22 0.23 -33.46
N GLY B 331 32.62 1.50 -33.41
CA GLY B 331 31.82 2.57 -33.99
C GLY B 331 30.67 3.10 -33.15
N LEU B 332 30.77 2.89 -31.84
CA LEU B 332 29.76 3.39 -30.93
C LEU B 332 30.06 4.83 -30.58
N THR B 333 29.04 5.56 -30.15
CA THR B 333 29.28 6.90 -29.62
C THR B 333 29.53 6.78 -28.12
N PRO B 334 30.25 7.76 -27.55
CA PRO B 334 30.44 7.85 -26.10
C PRO B 334 29.11 7.81 -25.35
N GLN B 335 28.10 8.47 -25.91
CA GLN B 335 26.76 8.45 -25.36
C GLN B 335 26.21 7.03 -25.27
N GLN B 336 26.39 6.25 -26.32
CA GLN B 336 26.02 4.83 -26.31
C GLN B 336 26.79 4.00 -25.29
N VAL B 337 28.04 4.40 -25.03
CA VAL B 337 28.84 3.66 -24.06
C VAL B 337 28.43 3.97 -22.62
N VAL B 338 28.01 5.21 -22.36
CA VAL B 338 27.49 5.59 -21.04
C VAL B 338 26.15 4.89 -20.74
N ALA B 339 25.33 4.77 -21.79
CA ALA B 339 24.05 4.09 -21.67
C ALA B 339 24.25 2.66 -21.17
N ILE B 340 25.21 1.96 -21.75
CA ILE B 340 25.47 0.57 -21.39
C ILE B 340 26.01 0.41 -19.96
N ALA B 341 26.91 1.30 -19.57
CA ALA B 341 27.55 1.27 -18.27
C ALA B 341 26.61 1.66 -17.12
N SER B 342 25.55 2.39 -17.44
CA SER B 342 24.69 3.01 -16.43
C SER B 342 23.58 2.10 -15.91
N HIS B 343 23.97 0.90 -15.53
CA HIS B 343 23.09 -0.11 -14.93
C HIS B 343 23.97 -1.02 -14.08
N ASP B 344 23.36 -1.73 -13.13
CA ASP B 344 24.10 -2.79 -12.45
C ASP B 344 24.69 -3.84 -13.40
N GLY B 345 25.95 -4.22 -13.15
CA GLY B 345 26.65 -5.12 -14.04
C GLY B 345 27.05 -4.44 -15.32
N GLY B 346 27.15 -3.12 -15.30
CA GLY B 346 27.49 -2.37 -16.50
C GLY B 346 28.85 -2.80 -17.03
N LYS B 347 29.74 -3.15 -16.11
CA LYS B 347 31.03 -3.69 -16.47
C LYS B 347 30.86 -4.96 -17.31
N GLN B 348 29.99 -5.87 -16.85
CA GLN B 348 29.76 -7.12 -17.55
C GLN B 348 29.13 -6.85 -18.91
N ALA B 349 28.23 -5.88 -18.95
CA ALA B 349 27.57 -5.51 -20.18
C ALA B 349 28.57 -4.93 -21.18
N LEU B 350 29.46 -4.04 -20.74
CA LEU B 350 30.46 -3.46 -21.65
C LEU B 350 31.35 -4.52 -22.27
N GLU B 351 31.87 -5.41 -21.44
CA GLU B 351 32.79 -6.43 -21.90
C GLU B 351 32.12 -7.39 -22.88
N THR B 352 30.82 -7.61 -22.67
CA THR B 352 30.06 -8.52 -23.50
C THR B 352 29.80 -7.90 -24.85
N VAL B 353 29.59 -6.59 -24.86
CA VAL B 353 29.37 -5.86 -26.12
C VAL B 353 30.61 -5.91 -27.00
N GLN B 354 31.77 -5.65 -26.40
CA GLN B 354 33.06 -5.76 -27.06
C GLN B 354 33.28 -7.16 -27.65
N ARG B 355 32.93 -8.19 -26.90
CA ARG B 355 33.14 -9.56 -27.35
C ARG B 355 32.14 -10.00 -28.44
N LEU B 356 30.93 -9.49 -28.38
CA LEU B 356 29.82 -10.12 -29.10
C LEU B 356 29.20 -9.29 -30.23
N LEU B 357 29.40 -7.99 -30.19
CA LEU B 357 28.89 -7.10 -31.23
C LEU B 357 29.20 -7.52 -32.70
N PRO B 358 30.47 -7.91 -33.00
CA PRO B 358 30.73 -8.36 -34.38
C PRO B 358 29.95 -9.63 -34.69
N VAL B 359 29.99 -10.57 -33.76
CA VAL B 359 29.27 -11.82 -33.89
C VAL B 359 27.77 -11.61 -34.14
N LEU B 360 27.19 -10.65 -33.44
CA LEU B 360 25.75 -10.40 -33.52
C LEU B 360 25.37 -9.55 -34.71
N CYS B 361 26.29 -8.71 -35.16
CA CYS B 361 26.02 -7.84 -36.29
C CYS B 361 26.27 -8.56 -37.61
N GLN B 362 27.35 -9.33 -37.64
CA GLN B 362 27.83 -9.97 -38.87
C GLN B 362 27.22 -11.34 -39.14
N ALA B 363 26.50 -11.89 -38.17
CA ALA B 363 26.05 -13.26 -38.32
C ALA B 363 24.60 -13.46 -37.92
N HIS B 364 23.93 -12.36 -37.58
CA HIS B 364 22.51 -12.42 -37.24
C HIS B 364 21.78 -11.24 -37.88
N GLY B 365 22.55 -10.31 -38.45
CA GLY B 365 21.96 -9.20 -39.17
C GLY B 365 21.57 -8.03 -38.28
N LEU B 366 21.81 -8.16 -36.98
CA LEU B 366 21.54 -7.08 -36.04
C LEU B 366 22.38 -5.83 -36.29
N THR B 367 21.77 -4.66 -36.06
CA THR B 367 22.46 -3.38 -36.15
C THR B 367 23.18 -3.13 -34.82
N PRO B 368 24.15 -2.21 -34.80
CA PRO B 368 24.79 -1.81 -33.53
C PRO B 368 23.81 -1.15 -32.56
N GLU B 369 22.80 -0.46 -33.09
CA GLU B 369 21.77 0.14 -32.27
C GLU B 369 21.03 -0.94 -31.47
N GLN B 370 20.59 -1.99 -32.17
CA GLN B 370 19.93 -3.11 -31.50
C GLN B 370 20.80 -3.77 -30.43
N VAL B 371 22.07 -3.96 -30.72
CA VAL B 371 22.97 -4.53 -29.72
C VAL B 371 23.09 -3.64 -28.47
N VAL B 372 23.06 -2.32 -28.65
CA VAL B 372 23.14 -1.41 -27.51
C VAL B 372 21.83 -1.41 -26.71
N ALA B 373 20.73 -1.45 -27.42
CA ALA B 373 19.42 -1.48 -26.79
C ALA B 373 19.29 -2.69 -25.87
N ILE B 374 19.96 -3.79 -26.24
CA ILE B 374 19.91 -5.01 -25.44
C ILE B 374 20.81 -4.91 -24.20
N ALA B 375 22.00 -4.35 -24.39
CA ALA B 375 22.97 -4.17 -23.31
C ALA B 375 22.64 -3.03 -22.34
N SER B 376 21.76 -2.13 -22.76
CA SER B 376 21.40 -0.98 -21.94
C SER B 376 20.36 -1.26 -20.84
N ASN B 377 20.45 -2.43 -20.21
CA ASN B 377 19.62 -2.76 -19.07
C ASN B 377 20.44 -3.57 -18.08
N GLY B 378 19.90 -3.74 -16.88
CA GLY B 378 20.50 -4.62 -15.89
C GLY B 378 20.55 -6.05 -16.39
N GLY B 379 21.69 -6.70 -16.16
CA GLY B 379 21.90 -8.05 -16.63
C GLY B 379 21.95 -8.10 -18.14
N GLY B 380 22.31 -6.97 -18.74
CA GLY B 380 22.43 -6.88 -20.17
C GLY B 380 23.37 -7.88 -20.82
N LYS B 381 24.41 -8.29 -20.09
CA LYS B 381 25.29 -9.38 -20.52
C LYS B 381 24.49 -10.66 -20.77
N GLN B 382 23.65 -11.00 -19.79
CA GLN B 382 22.83 -12.19 -19.84
C GLN B 382 21.91 -12.14 -21.05
N ALA B 383 21.21 -11.01 -21.18
CA ALA B 383 20.32 -10.79 -22.29
C ALA B 383 21.07 -10.90 -23.63
N LEU B 384 22.29 -10.36 -23.68
CA LEU B 384 23.09 -10.42 -24.89
C LEU B 384 23.47 -11.87 -25.22
N GLU B 385 23.92 -12.60 -24.21
CA GLU B 385 24.35 -13.97 -24.44
C GLU B 385 23.18 -14.79 -24.93
N THR B 386 22.06 -14.61 -24.25
CA THR B 386 20.83 -15.35 -24.53
C THR B 386 20.30 -15.11 -25.93
N VAL B 387 20.46 -13.89 -26.44
CA VAL B 387 20.07 -13.60 -27.82
C VAL B 387 20.91 -14.41 -28.81
N GLN B 388 22.22 -14.36 -28.64
CA GLN B 388 23.14 -15.12 -29.48
C GLN B 388 22.74 -16.58 -29.56
N ARG B 389 22.34 -17.11 -28.41
CA ARG B 389 21.91 -18.49 -28.27
C ARG B 389 20.54 -18.76 -28.93
N LEU B 390 19.56 -17.88 -28.70
CA LEU B 390 18.18 -18.18 -29.10
C LEU B 390 17.63 -17.49 -30.34
N LEU B 391 18.34 -16.47 -30.84
CA LEU B 391 17.90 -15.77 -32.04
C LEU B 391 17.52 -16.73 -33.19
N PRO B 392 18.39 -17.70 -33.54
CA PRO B 392 17.99 -18.65 -34.59
C PRO B 392 16.75 -19.47 -34.26
N VAL B 393 16.70 -20.14 -33.11
CA VAL B 393 15.58 -21.03 -32.83
C VAL B 393 14.27 -20.24 -32.70
N LEU B 394 14.39 -18.98 -32.33
CA LEU B 394 13.20 -18.15 -32.20
C LEU B 394 12.68 -17.70 -33.54
N CYS B 395 13.58 -17.49 -34.50
CA CYS B 395 13.19 -17.01 -35.81
C CYS B 395 12.86 -18.16 -36.75
N GLN B 396 13.69 -19.20 -36.69
CA GLN B 396 13.59 -20.33 -37.61
C GLN B 396 12.49 -21.33 -37.24
N ALA B 397 12.19 -21.46 -35.95
CA ALA B 397 11.30 -22.50 -35.50
C ALA B 397 10.01 -21.97 -34.89
N HIS B 398 10.03 -20.73 -34.43
CA HIS B 398 8.84 -20.12 -33.83
C HIS B 398 8.26 -18.96 -34.65
N GLY B 399 8.94 -18.57 -35.71
CA GLY B 399 8.43 -17.56 -36.63
C GLY B 399 8.75 -16.11 -36.34
N LEU B 400 9.25 -15.81 -35.14
CA LEU B 400 9.51 -14.43 -34.74
C LEU B 400 10.46 -13.71 -35.69
N THR B 401 10.39 -12.40 -35.72
CA THR B 401 11.37 -11.62 -36.48
C THR B 401 12.45 -11.18 -35.50
N PRO B 402 13.64 -10.87 -36.01
CA PRO B 402 14.74 -10.35 -35.19
C PRO B 402 14.36 -9.11 -34.37
N GLU B 403 13.56 -8.23 -34.97
CA GLU B 403 13.09 -7.03 -34.30
C GLU B 403 12.31 -7.37 -33.04
N GLN B 404 11.48 -8.40 -33.14
CA GLN B 404 10.68 -8.85 -32.00
C GLN B 404 11.58 -9.44 -30.94
N VAL B 405 12.61 -10.14 -31.39
CA VAL B 405 13.54 -10.76 -30.47
C VAL B 405 14.36 -9.68 -29.74
N VAL B 406 14.83 -8.70 -30.48
CA VAL B 406 15.49 -7.55 -29.83
C VAL B 406 14.56 -6.90 -28.80
N ALA B 407 13.26 -6.84 -29.10
CA ALA B 407 12.30 -6.18 -28.24
C ALA B 407 12.16 -6.93 -26.92
N ILE B 408 12.03 -8.26 -26.99
CA ILE B 408 11.94 -9.07 -25.78
C ILE B 408 13.15 -8.87 -24.87
N ALA B 409 14.33 -8.85 -25.48
CA ALA B 409 15.60 -8.82 -24.76
C ALA B 409 15.94 -7.47 -24.14
N SER B 410 15.24 -6.43 -24.57
CA SER B 410 15.63 -5.04 -24.30
C SER B 410 15.06 -4.48 -23.00
N HIS B 411 14.88 -5.34 -22.02
CA HIS B 411 14.43 -4.94 -20.70
C HIS B 411 15.23 -5.72 -19.68
N ASP B 412 15.30 -5.22 -18.45
CA ASP B 412 15.79 -6.01 -17.33
C ASP B 412 15.13 -7.38 -17.31
N GLY B 413 15.95 -8.43 -17.18
CA GLY B 413 15.47 -9.79 -17.13
C GLY B 413 15.27 -10.36 -18.52
N GLY B 414 15.77 -9.65 -19.53
CA GLY B 414 15.62 -10.04 -20.91
C GLY B 414 15.82 -11.51 -21.13
N LYS B 415 16.91 -12.04 -20.58
CA LYS B 415 17.19 -13.47 -20.62
C LYS B 415 15.99 -14.34 -20.19
N GLN B 416 15.38 -13.99 -19.06
CA GLN B 416 14.28 -14.77 -18.52
C GLN B 416 13.11 -14.69 -19.47
N ALA B 417 12.87 -13.49 -20.00
CA ALA B 417 11.78 -13.28 -20.94
C ALA B 417 11.95 -14.13 -22.19
N LEU B 418 13.11 -14.01 -22.84
CA LEU B 418 13.43 -14.83 -24.03
C LEU B 418 13.21 -16.33 -23.82
N GLU B 419 13.69 -16.85 -22.69
CA GLU B 419 13.57 -18.26 -22.38
C GLU B 419 12.12 -18.66 -22.16
N THR B 420 11.36 -17.75 -21.58
CA THR B 420 9.97 -18.02 -21.25
C THR B 420 9.11 -17.96 -22.50
N VAL B 421 9.42 -17.02 -23.39
CA VAL B 421 8.77 -16.96 -24.70
C VAL B 421 8.96 -18.29 -25.44
N GLN B 422 10.18 -18.83 -25.42
CA GLN B 422 10.50 -20.09 -26.09
C GLN B 422 9.76 -21.30 -25.52
N ARG B 423 9.66 -21.37 -24.20
CA ARG B 423 8.88 -22.43 -23.55
C ARG B 423 7.41 -22.32 -23.86
N LEU B 424 6.87 -21.10 -23.84
CA LEU B 424 5.44 -20.92 -23.72
C LEU B 424 4.73 -20.46 -24.99
N LEU B 425 5.51 -19.98 -25.96
CA LEU B 425 4.92 -19.52 -27.23
C LEU B 425 3.97 -20.56 -27.83
N PRO B 426 4.41 -21.83 -27.94
CA PRO B 426 3.51 -22.83 -28.53
C PRO B 426 2.14 -22.93 -27.84
N VAL B 427 2.15 -23.25 -26.55
CA VAL B 427 0.89 -23.42 -25.85
C VAL B 427 0.03 -22.14 -25.87
N LEU B 428 0.65 -20.97 -25.78
CA LEU B 428 -0.11 -19.72 -25.77
C LEU B 428 -0.77 -19.44 -27.12
N CYS B 429 -0.11 -19.82 -28.19
CA CYS B 429 -0.68 -19.61 -29.50
C CYS B 429 -1.59 -20.77 -29.88
N GLN B 430 -1.08 -21.99 -29.81
CA GLN B 430 -1.75 -23.15 -30.38
C GLN B 430 -2.94 -23.65 -29.58
N ALA B 431 -2.99 -23.31 -28.30
CA ALA B 431 -4.01 -23.86 -27.43
C ALA B 431 -4.84 -22.78 -26.74
N HIS B 432 -4.54 -21.52 -26.99
CA HIS B 432 -5.35 -20.44 -26.40
C HIS B 432 -5.61 -19.28 -27.37
N GLY B 433 -5.16 -19.43 -28.61
CA GLY B 433 -5.54 -18.49 -29.64
C GLY B 433 -4.77 -17.19 -29.71
N LEU B 434 -3.69 -17.06 -28.94
CA LEU B 434 -2.86 -15.87 -29.04
C LEU B 434 -2.01 -15.85 -30.30
N THR B 435 -1.59 -14.66 -30.69
CA THR B 435 -0.66 -14.50 -31.79
C THR B 435 0.74 -14.36 -31.21
N PRO B 436 1.76 -14.66 -32.02
CA PRO B 436 3.13 -14.39 -31.55
C PRO B 436 3.28 -12.90 -31.21
N GLN B 437 2.67 -12.02 -32.00
CA GLN B 437 2.67 -10.59 -31.72
C GLN B 437 2.11 -10.27 -30.34
N GLN B 438 1.15 -11.05 -29.88
CA GLN B 438 0.55 -10.75 -28.59
C GLN B 438 1.50 -11.18 -27.49
N VAL B 439 2.09 -12.37 -27.69
CA VAL B 439 3.05 -12.91 -26.73
C VAL B 439 4.24 -11.97 -26.59
N VAL B 440 4.80 -11.55 -27.72
CA VAL B 440 5.90 -10.58 -27.75
C VAL B 440 5.62 -9.29 -26.98
N ALA B 441 4.40 -8.79 -27.10
CA ALA B 441 3.98 -7.58 -26.40
C ALA B 441 4.00 -7.79 -24.90
N ILE B 442 3.56 -8.97 -24.47
CA ILE B 442 3.51 -9.32 -23.06
C ILE B 442 4.91 -9.50 -22.51
N ALA B 443 5.80 -10.01 -23.35
CA ALA B 443 7.15 -10.32 -22.95
C ALA B 443 8.06 -9.11 -23.00
N SER B 444 7.66 -8.09 -23.75
CA SER B 444 8.54 -6.95 -23.96
C SER B 444 8.46 -5.92 -22.85
N ASN B 445 8.56 -6.37 -21.61
CA ASN B 445 8.54 -5.47 -20.46
C ASN B 445 9.37 -6.13 -19.40
N GLY B 446 9.98 -5.33 -18.52
CA GLY B 446 10.50 -5.85 -17.27
C GLY B 446 9.43 -6.71 -16.61
N GLY B 447 9.81 -7.89 -16.15
CA GLY B 447 8.86 -8.84 -15.61
C GLY B 447 8.10 -9.59 -16.69
N GLY B 448 8.60 -9.54 -17.92
CA GLY B 448 8.02 -10.32 -19.00
C GLY B 448 7.80 -11.78 -18.64
N ARG B 449 8.80 -12.41 -18.01
CA ARG B 449 8.66 -13.82 -17.64
C ARG B 449 7.46 -14.14 -16.74
N PRO B 450 7.39 -13.54 -15.53
CA PRO B 450 6.22 -13.92 -14.73
C PRO B 450 4.92 -13.40 -15.34
N ALA B 451 5.02 -12.39 -16.20
CA ALA B 451 3.83 -11.92 -16.90
C ALA B 451 3.29 -13.01 -17.81
N LEU B 452 4.18 -13.67 -18.54
CA LEU B 452 3.80 -14.83 -19.37
C LEU B 452 3.39 -16.05 -18.55
N GLU B 453 4.06 -16.29 -17.43
CA GLU B 453 3.72 -17.41 -16.57
C GLU B 453 2.33 -17.18 -15.95
N SER B 454 2.05 -15.94 -15.55
CA SER B 454 0.73 -15.60 -15.03
C SER B 454 -0.38 -15.77 -16.07
N ILE B 455 -0.14 -15.32 -17.30
CA ILE B 455 -1.20 -15.39 -18.29
C ILE B 455 -1.43 -16.81 -18.82
N VAL B 456 -0.42 -17.68 -18.75
CA VAL B 456 -0.60 -19.07 -19.14
C VAL B 456 -1.23 -19.83 -17.96
N ALA B 457 -1.11 -19.29 -16.76
CA ALA B 457 -1.74 -19.87 -15.58
C ALA B 457 -3.26 -19.69 -15.61
N GLN B 458 -3.70 -18.49 -16.01
CA GLN B 458 -5.11 -18.15 -15.97
C GLN B 458 -5.90 -18.76 -17.12
N LEU B 459 -5.25 -18.89 -18.27
CA LEU B 459 -5.89 -19.50 -19.43
C LEU B 459 -6.05 -21.02 -19.28
N SER B 460 -5.33 -21.62 -18.33
CA SER B 460 -5.38 -23.06 -18.08
C SER B 460 -6.17 -23.46 -16.84
N ARG B 461 -6.19 -22.57 -15.84
CA ARG B 461 -6.89 -22.78 -14.57
C ARG B 461 -7.47 -21.45 -14.09
N PRO B 462 -8.61 -21.02 -14.67
CA PRO B 462 -9.13 -19.65 -14.52
C PRO B 462 -9.95 -19.37 -13.24
N ASP B 463 -10.31 -18.09 -13.05
CA ASP B 463 -11.22 -17.62 -11.99
C ASP B 463 -11.49 -16.12 -12.13
N ALA B 468 -15.66 -13.50 -15.61
CA ALA B 468 -14.28 -13.13 -15.88
C ALA B 468 -14.20 -12.09 -17.01
N LEU B 469 -12.97 -11.72 -17.39
CA LEU B 469 -12.74 -10.71 -18.41
C LEU B 469 -12.35 -11.40 -19.72
N THR B 470 -12.42 -10.67 -20.82
CA THR B 470 -12.03 -11.23 -22.10
C THR B 470 -10.52 -11.48 -22.12
N ASN B 471 -10.07 -12.45 -22.90
CA ASN B 471 -8.63 -12.72 -22.97
C ASN B 471 -7.84 -11.51 -23.44
N ASP B 472 -8.39 -10.79 -24.42
CA ASP B 472 -7.71 -9.63 -24.95
C ASP B 472 -7.57 -8.57 -23.86
N HIS B 473 -8.46 -8.63 -22.87
CA HIS B 473 -8.38 -7.73 -21.72
C HIS B 473 -7.29 -8.20 -20.76
N LEU B 474 -7.19 -9.49 -20.56
CA LEU B 474 -6.13 -10.02 -19.71
C LEU B 474 -4.76 -9.72 -20.35
N VAL B 475 -4.64 -9.93 -21.65
CA VAL B 475 -3.43 -9.62 -22.40
C VAL B 475 -3.04 -8.15 -22.20
N ALA B 476 -4.00 -7.26 -22.39
CA ALA B 476 -3.77 -5.83 -22.20
C ALA B 476 -3.33 -5.54 -20.79
N LEU B 477 -3.91 -6.26 -19.84
CA LEU B 477 -3.58 -6.13 -18.42
C LEU B 477 -2.17 -6.63 -18.10
N ALA B 478 -1.85 -7.81 -18.63
CA ALA B 478 -0.51 -8.36 -18.54
C ALA B 478 0.50 -7.43 -19.21
N CYS B 479 0.10 -6.82 -20.33
CA CYS B 479 1.00 -5.88 -20.99
C CYS B 479 1.30 -4.61 -20.18
N LEU B 480 0.32 -4.16 -19.42
CA LEU B 480 0.41 -2.88 -18.71
C LEU B 480 1.07 -2.96 -17.34
N GLY B 481 0.82 -4.05 -16.61
CA GLY B 481 1.37 -4.19 -15.27
C GLY B 481 1.80 -5.61 -14.96
N GLY B 482 1.76 -6.48 -15.95
CA GLY B 482 2.25 -7.84 -15.80
C GLY B 482 1.56 -8.65 -14.73
N ARG B 483 2.31 -9.57 -14.11
CA ARG B 483 1.78 -10.42 -13.05
C ARG B 483 1.12 -9.67 -11.88
N PRO B 484 1.75 -8.60 -11.35
CA PRO B 484 1.07 -7.88 -10.26
C PRO B 484 -0.28 -7.26 -10.68
N ALA B 485 -0.49 -7.09 -11.98
CA ALA B 485 -1.77 -6.61 -12.49
C ALA B 485 -2.84 -7.70 -12.51
N LEU B 486 -2.48 -8.91 -12.95
CA LEU B 486 -3.41 -10.02 -12.93
C LEU B 486 -3.81 -10.37 -11.48
N ASP B 487 -2.85 -10.29 -10.58
CA ASP B 487 -3.11 -10.61 -9.18
C ASP B 487 -3.97 -9.53 -8.52
N ALA B 488 -3.79 -8.29 -8.93
CA ALA B 488 -4.53 -7.19 -8.31
C ALA B 488 -5.98 -7.18 -8.75
N VAL B 489 -6.27 -7.85 -9.86
CA VAL B 489 -7.65 -7.99 -10.32
C VAL B 489 -8.35 -9.16 -9.62
N LYS B 490 -7.61 -10.26 -9.43
CA LYS B 490 -8.15 -11.44 -8.72
C LYS B 490 -8.70 -11.12 -7.33
N LYS B 491 -8.20 -10.06 -6.71
CA LYS B 491 -8.69 -9.64 -5.38
C LYS B 491 -9.64 -8.45 -5.45
N LEU B 492 -10.19 -8.21 -6.64
CA LEU B 492 -11.16 -7.13 -6.84
C LEU B 492 -12.44 -7.66 -7.50
#